data_8QVZ
#
_entry.id   8QVZ
#
_cell.length_a   52.021
_cell.length_b   67.411
_cell.length_c   68.147
_cell.angle_alpha   108.702
_cell.angle_beta   112.352
_cell.angle_gamma   100.850
#
_symmetry.space_group_name_H-M   'P 1'
#
loop_
_entity.id
_entity.type
_entity.pdbx_description
1 polymer 'Nucleoside diphosphate kinase 3'
2 non-polymer "ADENOSINE-3',5'-CYCLIC-MONOPHOSPHATE"
3 non-polymer 'SULFATE ION'
4 water water
#
_entity_poly.entity_id   1
_entity_poly.type   'polypeptide(L)'
_entity_poly.pdbx_seq_one_letter_code
;GHMTGAHERTFLAVKPDGVQRRLVGEIVRRFERKGFKLVALKLVQASEELLREHYAELRERPFYGRLVKYMASGPVVAMV
WQGLDVVRTSRALIGATNPADAPPGTIRGDFCIEVGKNLIHGSDSVESARREIALWFRADELLCWEDSAGHWLYE
;
_entity_poly.pdbx_strand_id   A,B,C,D,E,F
#
# COMPACT_ATOMS: atom_id res chain seq x y z
N GLY A 5 -26.14 -15.85 -11.51
CA GLY A 5 -25.85 -14.41 -11.35
C GLY A 5 -24.34 -14.13 -11.39
N ALA A 6 -23.52 -15.16 -11.18
CA ALA A 6 -22.08 -15.00 -11.13
C ALA A 6 -21.46 -14.58 -12.48
N HIS A 7 -22.21 -14.74 -13.58
CA HIS A 7 -21.67 -14.42 -14.90
C HIS A 7 -22.08 -13.01 -15.33
N GLU A 8 -22.73 -12.24 -14.44
CA GLU A 8 -23.08 -10.88 -14.80
C GLU A 8 -21.79 -10.14 -15.18
N ARG A 9 -21.93 -9.18 -16.10
CA ARG A 9 -20.78 -8.40 -16.54
C ARG A 9 -21.11 -6.92 -16.51
N THR A 10 -20.08 -6.10 -16.28
CA THR A 10 -20.24 -4.66 -16.35
C THR A 10 -19.14 -4.08 -17.21
N PHE A 11 -19.43 -2.89 -17.74
CA PHE A 11 -18.45 -2.13 -18.50
C PHE A 11 -17.88 -1.04 -17.63
N LEU A 12 -16.57 -0.94 -17.62
CA LEU A 12 -15.88 0.12 -16.89
C LEU A 12 -14.90 0.74 -17.85
N ALA A 13 -14.78 2.06 -17.84
CA ALA A 13 -13.78 2.73 -18.63
C ALA A 13 -13.01 3.68 -17.71
N VAL A 14 -11.70 3.60 -17.72
CA VAL A 14 -10.89 4.64 -17.13
C VAL A 14 -10.82 5.77 -18.13
N LYS A 15 -11.21 6.96 -17.68
CA LYS A 15 -11.30 8.16 -18.51
C LYS A 15 -9.92 8.76 -18.69
N PRO A 16 -9.77 9.74 -19.61
CA PRO A 16 -8.44 10.26 -19.89
C PRO A 16 -7.71 10.74 -18.65
N ASP A 17 -8.44 11.34 -17.68
CA ASP A 17 -7.84 11.83 -16.46
C ASP A 17 -7.23 10.68 -15.64
N GLY A 18 -7.84 9.50 -15.70
CA GLY A 18 -7.30 8.37 -14.97
C GLY A 18 -6.00 7.85 -15.57
N VAL A 19 -5.95 7.89 -16.91
CA VAL A 19 -4.75 7.48 -17.61
C VAL A 19 -3.63 8.50 -17.37
N GLN A 20 -3.93 9.78 -17.55
CA GLN A 20 -2.95 10.85 -17.37
C GLN A 20 -2.41 10.91 -15.93
N ARG A 21 -3.27 10.62 -14.96
CA ARG A 21 -2.84 10.68 -13.57
C ARG A 21 -2.21 9.35 -13.11
N ARG A 22 -2.08 8.39 -14.04
CA ARG A 22 -1.41 7.16 -13.73
C ARG A 22 -2.10 6.37 -12.63
N LEU A 23 -3.41 6.23 -12.76
CA LEU A 23 -4.22 5.48 -11.82
C LEU A 23 -4.85 4.25 -12.46
N VAL A 24 -4.37 3.82 -13.62
CA VAL A 24 -4.96 2.64 -14.24
C VAL A 24 -4.74 1.41 -13.37
N GLY A 25 -3.50 1.20 -12.98
CA GLY A 25 -3.14 0.06 -12.14
C GLY A 25 -3.91 0.04 -10.81
N GLU A 26 -3.95 1.19 -10.17
CA GLU A 26 -4.69 1.37 -8.94
C GLU A 26 -6.14 0.96 -9.12
N ILE A 27 -6.77 1.37 -10.22
CA ILE A 27 -8.16 1.06 -10.44
C ILE A 27 -8.34 -0.43 -10.69
N VAL A 28 -7.54 -1.00 -11.59
CA VAL A 28 -7.63 -2.42 -11.85
C VAL A 28 -7.43 -3.24 -10.57
N ARG A 29 -6.46 -2.83 -9.75
CA ARG A 29 -6.13 -3.57 -8.55
C ARG A 29 -7.33 -3.60 -7.58
N ARG A 30 -8.10 -2.53 -7.54
CA ARG A 30 -9.27 -2.51 -6.67
C ARG A 30 -10.33 -3.51 -7.10
N PHE A 31 -10.52 -3.67 -8.41
CA PHE A 31 -11.46 -4.66 -8.93
C PHE A 31 -10.91 -6.06 -8.74
N GLU A 32 -9.61 -6.25 -8.94
CA GLU A 32 -9.01 -7.55 -8.71
C GLU A 32 -9.11 -7.95 -7.25
N ARG A 33 -8.81 -7.05 -6.35
CA ARG A 33 -8.74 -7.42 -4.93
C ARG A 33 -10.15 -7.69 -4.42
N LYS A 34 -11.17 -7.13 -5.06
CA LYS A 34 -12.55 -7.39 -4.69
C LYS A 34 -12.97 -8.80 -5.05
N GLY A 35 -12.35 -9.36 -6.10
CA GLY A 35 -12.64 -10.71 -6.51
C GLY A 35 -13.24 -10.78 -7.91
N PHE A 36 -13.41 -9.65 -8.59
CA PHE A 36 -14.06 -9.74 -9.89
C PHE A 36 -13.08 -10.26 -10.92
N LYS A 37 -13.65 -10.81 -12.00
CA LYS A 37 -12.88 -11.42 -13.04
C LYS A 37 -12.81 -10.51 -14.26
N LEU A 38 -11.57 -10.20 -14.65
CA LEU A 38 -11.37 -9.35 -15.81
C LEU A 38 -11.58 -10.20 -17.07
N VAL A 39 -12.55 -9.81 -17.90
CA VAL A 39 -12.84 -10.61 -19.09
C VAL A 39 -12.67 -9.84 -20.40
N ALA A 40 -12.40 -8.55 -20.32
CA ALA A 40 -11.96 -7.81 -21.50
C ALA A 40 -11.25 -6.55 -21.06
N LEU A 41 -10.28 -6.11 -21.88
CA LEU A 41 -9.45 -4.99 -21.57
C LEU A 41 -8.78 -4.44 -22.81
N LYS A 42 -8.85 -3.12 -23.01
CA LYS A 42 -8.05 -2.52 -24.06
C LYS A 42 -7.90 -1.02 -23.83
N LEU A 43 -6.76 -0.49 -24.26
CA LEU A 43 -6.54 0.93 -24.35
C LEU A 43 -6.93 1.40 -25.76
N VAL A 44 -7.83 2.39 -25.82
CA VAL A 44 -8.41 2.85 -27.07
C VAL A 44 -8.58 4.36 -27.02
N GLN A 45 -8.74 4.94 -28.21
CA GLN A 45 -9.29 6.29 -28.31
C GLN A 45 -10.63 6.14 -29.04
N ALA A 46 -11.72 6.44 -28.33
CA ALA A 46 -13.04 6.29 -28.90
C ALA A 46 -13.39 7.49 -29.79
N SER A 47 -14.14 7.22 -30.85
CA SER A 47 -14.65 8.29 -31.70
C SER A 47 -15.78 9.02 -31.00
N GLU A 48 -16.02 10.25 -31.44
CA GLU A 48 -17.17 11.01 -30.95
C GLU A 48 -18.46 10.28 -31.28
N GLU A 49 -18.50 9.59 -32.43
CA GLU A 49 -19.71 8.91 -32.88
C GLU A 49 -20.09 7.81 -31.88
N LEU A 50 -19.09 7.00 -31.53
CA LEU A 50 -19.29 5.97 -30.53
C LEU A 50 -19.77 6.60 -29.22
N LEU A 51 -19.09 7.68 -28.80
CA LEU A 51 -19.38 8.29 -27.51
C LEU A 51 -20.75 8.93 -27.47
N ARG A 52 -21.18 9.54 -28.61
CA ARG A 52 -22.52 10.07 -28.68
C ARG A 52 -23.53 8.96 -28.39
N GLU A 53 -23.31 7.79 -28.98
CA GLU A 53 -24.19 6.66 -28.77
C GLU A 53 -24.07 6.14 -27.33
N HIS A 54 -22.83 6.03 -26.83
CA HIS A 54 -22.60 5.61 -25.45
C HIS A 54 -23.45 6.44 -24.49
N TYR A 55 -23.42 7.77 -24.65
CA TYR A 55 -24.07 8.66 -23.70
C TYR A 55 -25.41 9.21 -24.20
N ALA A 56 -26.04 8.51 -25.15
CA ALA A 56 -27.26 8.99 -25.79
C ALA A 56 -28.32 9.38 -24.77
N GLU A 57 -28.43 8.69 -23.64
CA GLU A 57 -29.46 8.99 -22.65
C GLU A 57 -29.28 10.40 -22.09
N LEU A 58 -28.06 10.96 -22.19
CA LEU A 58 -27.75 12.26 -21.65
C LEU A 58 -27.78 13.37 -22.71
N ARG A 59 -28.29 13.09 -23.92
CA ARG A 59 -28.19 13.99 -25.07
C ARG A 59 -28.81 15.35 -24.76
N GLU A 60 -29.75 15.44 -23.81
CA GLU A 60 -30.44 16.70 -23.51
C GLU A 60 -29.73 17.48 -22.41
N ARG A 61 -28.67 16.93 -21.81
CA ARG A 61 -28.02 17.57 -20.69
C ARG A 61 -27.04 18.60 -21.21
N PRO A 62 -26.87 19.74 -20.51
CA PRO A 62 -25.96 20.81 -20.97
C PRO A 62 -24.50 20.40 -21.12
N PHE A 63 -24.07 19.36 -20.41
CA PHE A 63 -22.67 18.94 -20.44
C PHE A 63 -22.43 17.86 -21.49
N TYR A 64 -23.47 17.43 -22.22
CA TYR A 64 -23.36 16.29 -23.09
C TYR A 64 -22.26 16.52 -24.12
N GLY A 65 -22.28 17.67 -24.81
CA GLY A 65 -21.32 17.90 -25.87
C GLY A 65 -19.88 17.89 -25.34
N ARG A 66 -19.68 18.54 -24.20
CA ARG A 66 -18.33 18.63 -23.65
C ARG A 66 -17.84 17.26 -23.17
N LEU A 67 -18.76 16.48 -22.59
CA LEU A 67 -18.46 15.13 -22.14
C LEU A 67 -17.99 14.26 -23.30
N VAL A 68 -18.73 14.32 -24.40
CA VAL A 68 -18.38 13.57 -25.59
C VAL A 68 -17.01 14.01 -26.09
N LYS A 69 -16.78 15.32 -26.18
CA LYS A 69 -15.52 15.82 -26.72
C LYS A 69 -14.37 15.43 -25.79
N TYR A 70 -14.60 15.54 -24.51
CA TYR A 70 -13.57 15.21 -23.54
C TYR A 70 -13.20 13.73 -23.59
N MET A 71 -14.21 12.86 -23.66
CA MET A 71 -13.96 11.41 -23.67
C MET A 71 -13.30 10.98 -24.96
N ALA A 72 -13.47 11.77 -26.05
CA ALA A 72 -12.83 11.49 -27.31
C ALA A 72 -11.44 12.10 -27.39
N SER A 73 -11.04 12.90 -26.40
CA SER A 73 -9.87 13.75 -26.51
C SER A 73 -8.58 12.99 -26.20
N GLY A 74 -8.67 11.80 -25.60
CA GLY A 74 -7.46 11.09 -25.25
C GLY A 74 -7.75 9.63 -24.95
N PRO A 75 -6.73 8.84 -24.62
CA PRO A 75 -6.88 7.42 -24.36
C PRO A 75 -7.74 7.13 -23.17
N VAL A 76 -8.52 6.04 -23.33
N VAL A 76 -8.50 6.04 -23.32
CA VAL A 76 -9.35 5.49 -22.30
CA VAL A 76 -9.38 5.48 -22.33
C VAL A 76 -8.98 4.00 -22.19
C VAL A 76 -8.99 4.01 -22.20
N VAL A 77 -9.11 3.48 -20.98
CA VAL A 77 -8.94 2.07 -20.76
C VAL A 77 -10.31 1.46 -20.61
N ALA A 78 -10.74 0.70 -21.62
CA ALA A 78 -12.03 0.04 -21.58
C ALA A 78 -11.87 -1.36 -20.98
N MET A 79 -12.83 -1.75 -20.15
CA MET A 79 -12.78 -3.02 -19.44
C MET A 79 -14.16 -3.64 -19.34
N VAL A 80 -14.17 -4.97 -19.18
CA VAL A 80 -15.34 -5.70 -18.74
C VAL A 80 -14.96 -6.58 -17.57
N TRP A 81 -15.73 -6.49 -16.48
CA TRP A 81 -15.52 -7.28 -15.29
C TRP A 81 -16.73 -8.16 -15.10
N GLN A 82 -16.48 -9.36 -14.58
CA GLN A 82 -17.52 -10.36 -14.37
C GLN A 82 -17.58 -10.83 -12.93
N GLY A 83 -18.84 -10.99 -12.44
CA GLY A 83 -19.04 -11.53 -11.12
C GLY A 83 -20.44 -11.22 -10.62
N LEU A 84 -20.77 -11.82 -9.49
CA LEU A 84 -22.04 -11.63 -8.83
C LEU A 84 -22.24 -10.17 -8.49
N ASP A 85 -23.37 -9.65 -8.95
CA ASP A 85 -23.81 -8.30 -8.75
C ASP A 85 -22.73 -7.28 -9.12
N VAL A 86 -21.92 -7.58 -10.15
CA VAL A 86 -20.78 -6.74 -10.46
C VAL A 86 -21.22 -5.32 -10.87
N VAL A 87 -22.39 -5.18 -11.52
CA VAL A 87 -22.80 -3.85 -11.97
C VAL A 87 -22.98 -2.93 -10.78
N ARG A 88 -23.86 -3.33 -9.87
CA ARG A 88 -24.18 -2.51 -8.71
C ARG A 88 -22.94 -2.34 -7.80
N THR A 89 -22.19 -3.43 -7.58
CA THR A 89 -21.04 -3.37 -6.70
C THR A 89 -19.94 -2.49 -7.31
N SER A 90 -19.76 -2.52 -8.63
CA SER A 90 -18.75 -1.66 -9.23
C SER A 90 -19.13 -0.19 -9.04
N ARG A 91 -20.42 0.11 -9.11
CA ARG A 91 -20.87 1.47 -8.90
C ARG A 91 -20.52 1.88 -7.46
N ALA A 92 -20.67 0.96 -6.53
CA ALA A 92 -20.37 1.27 -5.12
C ALA A 92 -18.85 1.47 -4.96
N LEU A 93 -18.05 0.67 -5.65
CA LEU A 93 -16.59 0.78 -5.51
C LEU A 93 -16.10 2.09 -6.07
N ILE A 94 -16.70 2.56 -7.16
N ILE A 94 -16.71 2.56 -7.16
CA ILE A 94 -16.24 3.78 -7.82
CA ILE A 94 -16.24 3.77 -7.80
C ILE A 94 -16.73 5.00 -7.05
C ILE A 94 -16.73 5.00 -7.05
N GLY A 95 -17.90 4.89 -6.43
CA GLY A 95 -18.47 5.99 -5.69
C GLY A 95 -19.40 6.83 -6.56
N ALA A 96 -20.09 7.74 -5.88
CA ALA A 96 -21.07 8.66 -6.50
C ALA A 96 -20.45 9.32 -7.72
N THR A 97 -21.27 9.51 -8.76
CA THR A 97 -20.81 10.11 -10.01
C THR A 97 -20.13 11.44 -9.73
N ASN A 98 -20.73 12.20 -8.79
CA ASN A 98 -20.09 13.42 -8.36
C ASN A 98 -19.15 13.14 -7.21
N PRO A 99 -17.82 13.33 -7.35
CA PRO A 99 -16.89 13.01 -6.28
C PRO A 99 -17.18 13.72 -4.97
N ALA A 100 -17.83 14.89 -5.03
CA ALA A 100 -18.23 15.61 -3.85
C ALA A 100 -19.09 14.74 -2.94
N ASP A 101 -19.85 13.79 -3.49
CA ASP A 101 -20.76 12.96 -2.74
C ASP A 101 -20.17 11.57 -2.48
N ALA A 102 -18.94 11.30 -2.96
CA ALA A 102 -18.39 9.95 -2.88
C ALA A 102 -17.52 9.86 -1.64
N PRO A 103 -17.83 8.92 -0.72
CA PRO A 103 -17.07 8.87 0.54
C PRO A 103 -15.65 8.37 0.31
N PRO A 104 -14.74 8.73 1.20
CA PRO A 104 -13.41 8.15 1.22
C PRO A 104 -13.55 6.63 1.32
N GLY A 105 -12.66 5.94 0.61
CA GLY A 105 -12.68 4.50 0.46
C GLY A 105 -13.19 4.11 -0.93
N THR A 106 -13.98 5.01 -1.55
CA THR A 106 -14.33 4.79 -2.95
C THR A 106 -13.24 5.34 -3.86
N ILE A 107 -13.27 4.94 -5.13
CA ILE A 107 -12.27 5.45 -6.05
C ILE A 107 -12.40 6.96 -6.19
N ARG A 108 -13.61 7.45 -6.42
CA ARG A 108 -13.75 8.89 -6.61
C ARG A 108 -13.55 9.63 -5.28
N GLY A 109 -13.98 9.02 -4.19
CA GLY A 109 -13.78 9.60 -2.87
C GLY A 109 -12.30 9.75 -2.50
N ASP A 110 -11.46 8.84 -2.95
CA ASP A 110 -10.05 8.86 -2.63
C ASP A 110 -9.26 9.74 -3.61
N PHE A 111 -9.70 9.82 -4.89
CA PHE A 111 -8.83 10.33 -5.93
C PHE A 111 -9.36 11.56 -6.68
N CYS A 112 -10.64 11.95 -6.57
CA CYS A 112 -11.20 12.98 -7.43
C CYS A 112 -11.91 14.07 -6.68
N ILE A 113 -12.13 15.17 -7.40
CA ILE A 113 -12.74 16.34 -6.83
C ILE A 113 -14.02 16.73 -7.57
N GLU A 114 -14.03 16.69 -8.90
CA GLU A 114 -15.04 17.34 -9.72
C GLU A 114 -15.76 16.31 -10.58
N VAL A 115 -17.07 16.55 -10.85
CA VAL A 115 -17.90 15.59 -11.54
C VAL A 115 -17.40 15.34 -12.97
N GLY A 116 -16.81 16.34 -13.60
CA GLY A 116 -16.34 16.25 -14.96
C GLY A 116 -14.98 15.57 -15.10
N LYS A 117 -14.27 15.43 -13.97
CA LYS A 117 -12.98 14.78 -13.94
C LYS A 117 -13.03 13.69 -12.87
N ASN A 118 -13.85 12.65 -13.16
CA ASN A 118 -14.22 11.69 -12.14
C ASN A 118 -13.70 10.28 -12.46
N LEU A 119 -12.63 10.22 -13.25
CA LEU A 119 -11.69 9.13 -13.41
C LEU A 119 -12.20 7.96 -14.24
N ILE A 120 -13.47 7.61 -14.09
CA ILE A 120 -13.96 6.33 -14.53
C ILE A 120 -15.45 6.44 -14.88
N HIS A 121 -15.92 5.57 -15.76
CA HIS A 121 -17.33 5.36 -16.04
C HIS A 121 -17.62 3.89 -15.74
N GLY A 122 -18.69 3.63 -14.99
CA GLY A 122 -19.18 2.28 -14.84
C GLY A 122 -20.66 2.19 -15.23
N SER A 123 -21.05 1.09 -15.87
CA SER A 123 -22.45 0.89 -16.26
C SER A 123 -23.38 1.08 -15.06
N ASP A 124 -24.54 1.69 -15.30
CA ASP A 124 -25.47 1.97 -14.23
C ASP A 124 -26.47 0.84 -14.02
N SER A 125 -26.55 -0.14 -14.93
CA SER A 125 -27.47 -1.27 -14.81
C SER A 125 -27.00 -2.45 -15.66
N VAL A 126 -27.61 -3.63 -15.43
CA VAL A 126 -27.30 -4.80 -16.23
C VAL A 126 -27.57 -4.54 -17.72
N GLU A 127 -28.69 -3.89 -18.01
CA GLU A 127 -29.05 -3.62 -19.39
C GLU A 127 -28.11 -2.61 -20.01
N SER A 128 -27.78 -1.52 -19.30
N SER A 128 -27.78 -1.53 -19.31
CA SER A 128 -26.82 -0.55 -19.84
CA SER A 128 -26.83 -0.56 -19.85
C SER A 128 -25.47 -1.23 -20.03
C SER A 128 -25.47 -1.23 -20.03
N ALA A 129 -25.09 -2.15 -19.13
CA ALA A 129 -23.82 -2.85 -19.31
C ALA A 129 -23.82 -3.64 -20.61
N ARG A 130 -24.88 -4.40 -20.86
CA ARG A 130 -25.00 -5.18 -22.09
C ARG A 130 -24.82 -4.29 -23.29
N ARG A 131 -25.46 -3.14 -23.27
CA ARG A 131 -25.40 -2.23 -24.38
C ARG A 131 -24.00 -1.64 -24.53
N GLU A 132 -23.39 -1.21 -23.40
CA GLU A 132 -22.07 -0.58 -23.44
C GLU A 132 -21.00 -1.59 -23.85
N ILE A 133 -21.07 -2.82 -23.31
CA ILE A 133 -20.10 -3.86 -23.67
C ILE A 133 -20.15 -4.09 -25.17
N ALA A 134 -21.37 -4.21 -25.71
CA ALA A 134 -21.54 -4.45 -27.14
C ALA A 134 -20.98 -3.30 -27.96
N LEU A 135 -21.19 -2.08 -27.49
CA LEU A 135 -20.74 -0.90 -28.21
C LEU A 135 -19.21 -0.80 -28.28
N TRP A 136 -18.53 -1.14 -27.18
CA TRP A 136 -17.09 -0.89 -27.12
C TRP A 136 -16.23 -2.07 -27.53
N PHE A 137 -16.76 -3.29 -27.36
CA PHE A 137 -16.01 -4.49 -27.62
C PHE A 137 -16.64 -5.32 -28.75
N ARG A 138 -15.77 -5.97 -29.53
CA ARG A 138 -16.21 -7.05 -30.39
C ARG A 138 -16.32 -8.32 -29.54
N ALA A 139 -17.18 -9.24 -29.97
CA ALA A 139 -17.44 -10.42 -29.15
C ALA A 139 -16.13 -11.19 -28.87
N ASP A 140 -15.22 -11.24 -29.84
CA ASP A 140 -14.02 -12.04 -29.72
C ASP A 140 -13.01 -11.38 -28.77
N GLU A 141 -13.32 -10.20 -28.23
CA GLU A 141 -12.43 -9.57 -27.25
C GLU A 141 -12.82 -9.96 -25.81
N LEU A 142 -13.96 -10.63 -25.63
CA LEU A 142 -14.40 -11.05 -24.32
C LEU A 142 -13.91 -12.47 -24.08
N LEU A 143 -13.07 -12.66 -23.07
CA LEU A 143 -12.39 -13.92 -22.90
C LEU A 143 -13.06 -14.74 -21.81
N CYS A 144 -13.26 -16.03 -22.07
CA CYS A 144 -13.73 -16.94 -21.03
C CYS A 144 -12.53 -17.69 -20.47
N TRP A 145 -12.31 -17.59 -19.17
CA TRP A 145 -11.19 -18.31 -18.58
C TRP A 145 -11.60 -18.92 -17.27
N GLU A 146 -10.88 -19.99 -16.89
CA GLU A 146 -11.24 -20.76 -15.72
C GLU A 146 -10.57 -20.13 -14.49
N ASP A 147 -11.40 -19.62 -13.59
CA ASP A 147 -10.93 -18.77 -12.50
C ASP A 147 -10.63 -19.64 -11.29
N SER A 148 -9.34 -19.81 -10.99
CA SER A 148 -8.88 -20.61 -9.86
C SER A 148 -9.42 -20.09 -8.52
N ALA A 149 -9.74 -18.78 -8.45
CA ALA A 149 -10.21 -18.17 -7.21
C ALA A 149 -11.71 -18.41 -7.01
N GLY A 150 -12.42 -18.89 -8.05
CA GLY A 150 -13.89 -18.95 -8.03
C GLY A 150 -14.42 -19.67 -6.80
N HIS A 151 -13.75 -20.78 -6.47
CA HIS A 151 -14.11 -21.61 -5.32
C HIS A 151 -14.06 -20.79 -4.03
N TRP A 152 -13.18 -19.78 -3.93
CA TRP A 152 -12.99 -19.04 -2.68
C TRP A 152 -13.81 -17.75 -2.67
N LEU A 153 -14.48 -17.44 -3.79
CA LEU A 153 -15.28 -16.24 -3.89
C LEU A 153 -16.75 -16.57 -3.86
N TYR A 154 -17.14 -17.76 -4.35
CA TYR A 154 -18.55 -18.10 -4.57
C TYR A 154 -18.93 -19.40 -3.86
N GLU A 155 -20.23 -19.57 -3.59
CA GLU A 155 -20.69 -20.71 -2.79
C GLU A 155 -20.85 -21.97 -3.67
N GLY B 5 -13.09 28.66 -7.44
CA GLY B 5 -12.91 28.24 -6.03
C GLY B 5 -11.71 27.31 -5.84
N ALA B 6 -10.94 27.07 -6.92
CA ALA B 6 -9.79 26.20 -6.92
C ALA B 6 -8.65 26.68 -6.03
N HIS B 7 -8.64 27.97 -5.63
CA HIS B 7 -7.55 28.51 -4.81
C HIS B 7 -7.93 28.52 -3.33
N GLU B 8 -9.07 27.93 -2.96
CA GLU B 8 -9.41 27.85 -1.54
C GLU B 8 -8.27 27.11 -0.82
N ARG B 9 -8.03 27.48 0.43
CA ARG B 9 -7.03 26.80 1.25
C ARG B 9 -7.59 26.36 2.60
N THR B 10 -7.01 25.27 3.14
CA THR B 10 -7.35 24.86 4.49
C THR B 10 -6.08 24.59 5.27
N PHE B 11 -6.21 24.69 6.60
CA PHE B 11 -5.10 24.38 7.49
C PHE B 11 -5.30 22.99 8.06
N LEU B 12 -4.23 22.20 8.00
CA LEU B 12 -4.26 20.85 8.57
C LEU B 12 -3.03 20.73 9.44
N ALA B 13 -3.17 20.07 10.59
CA ALA B 13 -2.03 19.87 11.44
C ALA B 13 -2.02 18.41 11.86
N VAL B 14 -0.92 17.72 11.64
CA VAL B 14 -0.75 16.39 12.19
C VAL B 14 -0.33 16.60 13.64
N LYS B 15 -1.08 15.98 14.55
CA LYS B 15 -0.85 16.07 15.97
C LYS B 15 0.30 15.19 16.40
N PRO B 16 0.79 15.36 17.65
CA PRO B 16 1.96 14.62 18.09
C PRO B 16 1.81 13.11 17.93
N ASP B 17 0.57 12.58 18.13
CA ASP B 17 0.33 11.16 17.98
C ASP B 17 0.59 10.71 16.54
N GLY B 18 0.28 11.57 15.56
CA GLY B 18 0.49 11.20 14.16
C GLY B 18 1.97 11.15 13.82
N VAL B 19 2.75 12.04 14.42
CA VAL B 19 4.19 12.05 14.23
C VAL B 19 4.81 10.80 14.90
N GLN B 20 4.47 10.57 16.16
CA GLN B 20 4.95 9.45 16.94
C GLN B 20 4.62 8.10 16.31
N ARG B 21 3.42 7.99 15.72
CA ARG B 21 3.00 6.73 15.15
C ARG B 21 3.46 6.61 13.70
N ARG B 22 4.23 7.59 13.21
CA ARG B 22 4.81 7.49 11.89
C ARG B 22 3.77 7.44 10.79
N LEU B 23 2.82 8.36 10.86
CA LEU B 23 1.72 8.44 9.91
C LEU B 23 1.75 9.75 9.15
N VAL B 24 2.86 10.50 9.20
CA VAL B 24 2.87 11.77 8.49
C VAL B 24 2.77 11.53 6.98
N GLY B 25 3.63 10.67 6.45
CA GLY B 25 3.60 10.35 5.03
C GLY B 25 2.24 9.82 4.58
N GLU B 26 1.70 8.86 5.34
CA GLU B 26 0.39 8.31 5.06
C GLU B 26 -0.66 9.40 4.93
N ILE B 27 -0.63 10.37 5.84
CA ILE B 27 -1.63 11.44 5.82
C ILE B 27 -1.41 12.33 4.62
N VAL B 28 -0.17 12.77 4.39
CA VAL B 28 0.12 13.60 3.25
C VAL B 28 -0.31 12.91 1.95
N ARG B 29 -0.04 11.61 1.83
CA ARG B 29 -0.31 10.85 0.62
C ARG B 29 -1.80 10.85 0.29
N ARG B 30 -2.63 10.79 1.31
CA ARG B 30 -4.06 10.81 1.08
C ARG B 30 -4.53 12.15 0.50
N PHE B 31 -3.94 13.26 0.94
CA PHE B 31 -4.27 14.57 0.40
C PHE B 31 -3.71 14.70 -1.01
N GLU B 32 -2.49 14.20 -1.24
CA GLU B 32 -1.92 14.24 -2.56
C GLU B 32 -2.77 13.47 -3.56
N ARG B 33 -3.18 12.28 -3.20
CA ARG B 33 -3.83 11.41 -4.15
C ARG B 33 -5.23 11.94 -4.46
N LYS B 34 -5.80 12.72 -3.54
CA LYS B 34 -7.11 13.32 -3.75
C LYS B 34 -7.04 14.44 -4.79
N GLY B 35 -5.86 15.05 -4.94
CA GLY B 35 -5.68 16.09 -5.93
C GLY B 35 -5.37 17.46 -5.37
N PHE B 36 -5.28 17.56 -4.05
CA PHE B 36 -5.01 18.85 -3.46
C PHE B 36 -3.56 19.22 -3.62
N LYS B 37 -3.30 20.52 -3.58
CA LYS B 37 -1.99 21.07 -3.75
C LYS B 37 -1.45 21.52 -2.39
N LEU B 38 -0.32 20.97 -2.04
CA LEU B 38 0.38 21.35 -0.83
C LEU B 38 1.04 22.70 -1.06
N VAL B 39 0.66 23.72 -0.28
CA VAL B 39 1.19 25.05 -0.48
C VAL B 39 1.93 25.57 0.75
N ALA B 40 1.89 24.85 1.88
CA ALA B 40 2.77 25.18 3.00
C ALA B 40 2.93 23.93 3.87
N LEU B 41 4.08 23.86 4.55
CA LEU B 41 4.41 22.71 5.36
C LEU B 41 5.55 23.06 6.29
N LYS B 42 5.39 22.73 7.56
CA LYS B 42 6.53 22.79 8.47
C LYS B 42 6.32 21.87 9.67
N LEU B 43 7.46 21.38 10.19
CA LEU B 43 7.46 20.72 11.50
C LEU B 43 7.76 21.76 12.57
N VAL B 44 6.87 21.86 13.56
CA VAL B 44 7.02 22.86 14.60
C VAL B 44 6.67 22.25 15.94
N GLN B 45 7.18 22.94 16.98
CA GLN B 45 6.61 22.74 18.29
C GLN B 45 5.88 24.01 18.67
N ALA B 46 4.55 23.89 18.75
CA ALA B 46 3.73 25.08 18.93
C ALA B 46 3.75 25.45 20.41
N SER B 47 3.75 26.76 20.69
CA SER B 47 3.65 27.24 22.05
C SER B 47 2.22 27.04 22.53
N GLU B 48 2.06 27.01 23.86
CA GLU B 48 0.75 27.00 24.47
C GLU B 48 -0.04 28.22 24.04
N GLU B 49 0.63 29.36 23.91
CA GLU B 49 -0.05 30.61 23.58
C GLU B 49 -0.69 30.52 22.22
N LEU B 50 0.09 30.06 21.21
CA LEU B 50 -0.46 29.85 19.89
C LEU B 50 -1.67 28.91 19.99
N LEU B 51 -1.54 27.82 20.74
CA LEU B 51 -2.60 26.82 20.77
C LEU B 51 -3.84 27.33 21.51
N ARG B 52 -3.64 28.12 22.54
CA ARG B 52 -4.76 28.78 23.24
C ARG B 52 -5.54 29.62 22.25
N GLU B 53 -4.84 30.35 21.39
CA GLU B 53 -5.46 31.18 20.36
C GLU B 53 -6.15 30.30 19.34
N HIS B 54 -5.41 29.26 18.88
CA HIS B 54 -5.96 28.37 17.88
C HIS B 54 -7.31 27.83 18.36
N TYR B 55 -7.39 27.38 19.62
CA TYR B 55 -8.56 26.68 20.14
C TYR B 55 -9.44 27.57 21.02
N ALA B 56 -9.35 28.90 20.84
CA ALA B 56 -10.04 29.84 21.71
C ALA B 56 -11.53 29.53 21.85
N GLU B 57 -12.17 29.08 20.78
CA GLU B 57 -13.60 28.80 20.81
C GLU B 57 -13.95 27.71 21.81
N LEU B 58 -12.97 26.87 22.19
CA LEU B 58 -13.19 25.76 23.09
C LEU B 58 -12.78 26.07 24.53
N ARG B 59 -12.47 27.33 24.85
CA ARG B 59 -11.86 27.69 26.12
C ARG B 59 -12.71 27.28 27.32
N GLU B 60 -14.02 27.13 27.16
CA GLU B 60 -14.92 26.79 28.26
C GLU B 60 -15.12 25.27 28.39
N ARG B 61 -14.53 24.48 27.48
N ARG B 61 -14.54 24.47 27.47
CA ARG B 61 -14.74 23.04 27.53
CA ARG B 61 -14.74 23.04 27.53
C ARG B 61 -13.77 22.43 28.56
C ARG B 61 -13.77 22.43 28.56
N PRO B 62 -14.18 21.36 29.27
CA PRO B 62 -13.33 20.73 30.29
C PRO B 62 -12.01 20.17 29.82
N PHE B 63 -11.92 19.85 28.52
CA PHE B 63 -10.71 19.25 27.97
C PHE B 63 -9.75 20.29 27.42
N TYR B 64 -10.14 21.57 27.48
CA TYR B 64 -9.39 22.62 26.81
C TYR B 64 -7.95 22.63 27.28
N GLY B 65 -7.75 22.66 28.60
CA GLY B 65 -6.41 22.77 29.14
C GLY B 65 -5.53 21.58 28.72
N ARG B 66 -6.07 20.38 28.76
CA ARG B 66 -5.24 19.23 28.43
C ARG B 66 -5.00 19.13 26.93
N LEU B 67 -5.96 19.57 26.13
CA LEU B 67 -5.80 19.66 24.69
C LEU B 67 -4.61 20.55 24.36
N VAL B 68 -4.60 21.74 24.98
CA VAL B 68 -3.55 22.69 24.73
C VAL B 68 -2.22 22.12 25.18
N LYS B 69 -2.16 21.53 26.38
CA LYS B 69 -0.92 20.98 26.92
C LYS B 69 -0.41 19.87 26.00
N TYR B 70 -1.34 19.01 25.60
CA TYR B 70 -0.96 17.89 24.75
C TYR B 70 -0.42 18.34 23.40
N MET B 71 -1.10 19.32 22.77
CA MET B 71 -0.70 19.78 21.45
C MET B 71 0.64 20.50 21.51
N ALA B 72 1.01 21.04 22.69
CA ALA B 72 2.27 21.73 22.89
C ALA B 72 3.38 20.76 23.29
N SER B 73 3.04 19.50 23.55
CA SER B 73 3.95 18.57 24.21
C SER B 73 4.93 17.94 23.23
N GLY B 74 4.67 18.04 21.92
CA GLY B 74 5.48 17.34 20.96
C GLY B 74 5.36 17.98 19.59
N PRO B 75 6.16 17.55 18.60
CA PRO B 75 6.11 18.09 17.26
C PRO B 75 4.77 17.87 16.60
N VAL B 76 4.39 18.90 15.83
N VAL B 76 4.39 18.90 15.83
CA VAL B 76 3.22 18.88 14.99
CA VAL B 76 3.21 18.92 15.01
C VAL B 76 3.69 19.22 13.59
C VAL B 76 3.68 19.22 13.59
N VAL B 77 2.99 18.63 12.62
CA VAL B 77 3.23 18.96 11.23
C VAL B 77 2.12 19.88 10.76
N ALA B 78 2.46 21.14 10.56
CA ALA B 78 1.51 22.14 10.10
C ALA B 78 1.52 22.20 8.57
N MET B 79 0.35 22.29 7.96
CA MET B 79 0.22 22.21 6.51
C MET B 79 -0.89 23.14 6.04
N VAL B 80 -0.75 23.57 4.79
CA VAL B 80 -1.83 24.22 4.06
C VAL B 80 -2.02 23.50 2.74
N TRP B 81 -3.28 23.11 2.46
CA TRP B 81 -3.62 22.47 1.21
C TRP B 81 -4.58 23.38 0.45
N GLN B 82 -4.49 23.34 -0.86
CA GLN B 82 -5.24 24.21 -1.75
C GLN B 82 -6.01 23.38 -2.79
N GLY B 83 -7.27 23.77 -2.99
CA GLY B 83 -8.09 23.19 -4.04
C GLY B 83 -9.55 23.48 -3.82
N LEU B 84 -10.36 23.09 -4.81
CA LEU B 84 -11.79 23.28 -4.78
C LEU B 84 -12.40 22.57 -3.57
N ASP B 85 -13.13 23.35 -2.78
CA ASP B 85 -13.84 22.90 -1.60
C ASP B 85 -12.91 22.14 -0.63
N VAL B 86 -11.64 22.56 -0.55
CA VAL B 86 -10.67 21.81 0.22
C VAL B 86 -11.02 21.77 1.70
N VAL B 87 -11.64 22.83 2.24
CA VAL B 87 -11.95 22.84 3.67
C VAL B 87 -12.88 21.69 4.01
N ARG B 88 -14.03 21.69 3.35
CA ARG B 88 -15.03 20.71 3.65
C ARG B 88 -14.57 19.30 3.23
N THR B 89 -13.94 19.17 2.06
CA THR B 89 -13.49 17.88 1.61
C THR B 89 -12.39 17.31 2.53
N SER B 90 -11.51 18.15 3.03
CA SER B 90 -10.49 17.65 3.96
C SER B 90 -11.16 17.09 5.21
N ARG B 91 -12.19 17.76 5.70
CA ARG B 91 -12.92 17.28 6.85
C ARG B 91 -13.50 15.91 6.55
N ALA B 92 -14.01 15.72 5.34
CA ALA B 92 -14.56 14.43 4.96
C ALA B 92 -13.46 13.36 4.91
N LEU B 93 -12.29 13.72 4.38
CA LEU B 93 -11.20 12.76 4.28
C LEU B 93 -10.69 12.34 5.66
N ILE B 94 -10.68 13.27 6.62
N ILE B 94 -10.68 13.27 6.61
CA ILE B 94 -10.13 12.98 7.94
CA ILE B 94 -10.14 12.94 7.93
C ILE B 94 -11.15 12.19 8.76
C ILE B 94 -11.15 12.18 8.75
N GLY B 95 -12.43 12.46 8.52
CA GLY B 95 -13.50 11.83 9.26
C GLY B 95 -13.89 12.64 10.48
N ALA B 96 -15.00 12.23 11.08
CA ALA B 96 -15.54 12.80 12.29
C ALA B 96 -14.44 13.06 13.32
N THR B 97 -14.56 14.18 14.04
CA THR B 97 -13.63 14.57 15.08
C THR B 97 -13.46 13.42 16.06
N ASN B 98 -14.56 12.77 16.39
CA ASN B 98 -14.51 11.62 17.26
C ASN B 98 -14.36 10.37 16.38
N PRO B 99 -13.23 9.62 16.48
CA PRO B 99 -13.00 8.47 15.60
C PRO B 99 -14.09 7.41 15.69
N ALA B 100 -14.82 7.35 16.83
CA ALA B 100 -15.94 6.45 16.97
C ALA B 100 -16.96 6.62 15.84
N ASP B 101 -17.10 7.85 15.33
CA ASP B 101 -18.10 8.15 14.32
C ASP B 101 -17.49 8.26 12.92
N ALA B 102 -16.19 8.01 12.78
CA ALA B 102 -15.53 8.17 11.50
C ALA B 102 -15.50 6.80 10.80
N PRO B 103 -16.13 6.66 9.61
CA PRO B 103 -16.16 5.38 8.94
C PRO B 103 -14.79 4.95 8.44
N PRO B 104 -14.58 3.63 8.32
CA PRO B 104 -13.43 3.10 7.58
C PRO B 104 -13.35 3.75 6.21
N GLY B 105 -12.09 4.03 5.81
CA GLY B 105 -11.77 4.75 4.61
C GLY B 105 -11.35 6.18 4.92
N THR B 106 -11.85 6.74 6.06
CA THR B 106 -11.33 8.01 6.49
C THR B 106 -10.06 7.84 7.31
N ILE B 107 -9.31 8.93 7.50
CA ILE B 107 -8.06 8.84 8.25
C ILE B 107 -8.35 8.38 9.68
N ARG B 108 -9.29 9.01 10.35
CA ARG B 108 -9.53 8.61 11.73
C ARG B 108 -10.25 7.27 11.80
N GLY B 109 -11.10 6.97 10.80
CA GLY B 109 -11.73 5.66 10.75
C GLY B 109 -10.74 4.52 10.58
N ASP B 110 -9.65 4.76 9.85
CA ASP B 110 -8.66 3.73 9.61
C ASP B 110 -7.62 3.66 10.75
N PHE B 111 -7.32 4.79 11.40
CA PHE B 111 -6.10 4.87 12.22
C PHE B 111 -6.28 5.21 13.68
N CYS B 112 -7.47 5.64 14.14
CA CYS B 112 -7.64 6.15 15.49
C CYS B 112 -8.80 5.54 16.22
N ILE B 113 -8.78 5.71 17.54
CA ILE B 113 -9.81 5.15 18.38
C ILE B 113 -10.52 6.23 19.18
N GLU B 114 -9.78 7.19 19.78
CA GLU B 114 -10.34 8.09 20.80
C GLU B 114 -10.25 9.54 20.32
N VAL B 115 -11.20 10.37 20.79
CA VAL B 115 -11.30 11.75 20.31
C VAL B 115 -10.07 12.58 20.71
N GLY B 116 -9.45 12.25 21.83
CA GLY B 116 -8.29 12.96 22.31
C GLY B 116 -6.99 12.56 21.62
N LYS B 117 -7.00 11.42 20.92
CA LYS B 117 -5.86 10.97 20.15
C LYS B 117 -6.31 10.74 18.72
N ASN B 118 -6.63 11.83 18.02
CA ASN B 118 -7.33 11.73 16.74
C ASN B 118 -6.50 12.25 15.56
N LEU B 119 -5.18 12.23 15.74
CA LEU B 119 -4.14 12.27 14.72
C LEU B 119 -3.94 13.63 14.04
N ILE B 120 -5.01 14.37 13.83
CA ILE B 120 -4.94 15.52 12.93
C ILE B 120 -6.01 16.55 13.34
N HIS B 121 -5.78 17.80 12.98
CA HIS B 121 -6.81 18.85 13.05
C HIS B 121 -6.96 19.42 11.66
N GLY B 122 -8.19 19.61 11.22
CA GLY B 122 -8.46 20.33 9.99
C GLY B 122 -9.44 21.48 10.25
N SER B 123 -9.23 22.61 9.58
CA SER B 123 -10.15 23.76 9.70
C SER B 123 -11.60 23.33 9.45
N ASP B 124 -12.52 23.89 10.24
CA ASP B 124 -13.91 23.46 10.16
C ASP B 124 -14.70 24.30 9.15
N SER B 125 -14.13 25.42 8.67
CA SER B 125 -14.81 26.30 7.74
C SER B 125 -13.80 27.20 7.03
N VAL B 126 -14.24 27.85 5.95
CA VAL B 126 -13.35 28.77 5.24
C VAL B 126 -12.88 29.90 6.18
N GLU B 127 -13.76 30.42 7.03
CA GLU B 127 -13.38 31.48 7.95
C GLU B 127 -12.35 30.98 8.98
N SER B 128 -12.59 29.80 9.57
N SER B 128 -12.59 29.80 9.57
CA SER B 128 -11.63 29.23 10.50
CA SER B 128 -11.62 29.25 10.50
C SER B 128 -10.29 28.98 9.78
C SER B 128 -10.30 28.98 9.78
N ALA B 129 -10.37 28.51 8.52
CA ALA B 129 -9.13 28.25 7.78
C ALA B 129 -8.30 29.51 7.59
N ARG B 130 -8.98 30.61 7.21
CA ARG B 130 -8.26 31.87 7.05
C ARG B 130 -7.56 32.28 8.32
N ARG B 131 -8.27 32.11 9.43
CA ARG B 131 -7.73 32.50 10.73
C ARG B 131 -6.56 31.60 11.11
N GLU B 132 -6.74 30.28 10.93
CA GLU B 132 -5.71 29.32 11.34
C GLU B 132 -4.46 29.43 10.46
N ILE B 133 -4.66 29.60 9.15
CA ILE B 133 -3.52 29.77 8.25
C ILE B 133 -2.70 30.97 8.68
N ALA B 134 -3.39 32.10 8.95
CA ALA B 134 -2.74 33.33 9.34
C ALA B 134 -2.00 33.15 10.66
N LEU B 135 -2.58 32.41 11.59
CA LEU B 135 -1.99 32.20 12.90
C LEU B 135 -0.69 31.39 12.80
N TRP B 136 -0.67 30.35 11.95
CA TRP B 136 0.43 29.40 11.99
C TRP B 136 1.53 29.73 11.00
N PHE B 137 1.18 30.39 9.90
CA PHE B 137 2.10 30.65 8.81
C PHE B 137 2.24 32.15 8.52
N ARG B 138 3.44 32.54 8.11
CA ARG B 138 3.60 33.85 7.53
C ARG B 138 3.26 33.76 6.05
N ALA B 139 2.90 34.91 5.45
CA ALA B 139 2.53 34.92 4.05
C ALA B 139 3.63 34.33 3.15
N ASP B 140 4.89 34.57 3.46
CA ASP B 140 5.98 34.10 2.61
C ASP B 140 6.21 32.59 2.78
N GLU B 141 5.45 31.91 3.64
CA GLU B 141 5.53 30.45 3.74
C GLU B 141 4.51 29.77 2.83
N LEU B 142 3.57 30.54 2.23
CA LEU B 142 2.51 29.99 1.45
C LEU B 142 2.94 30.09 0.00
N LEU B 143 3.12 28.95 -0.65
CA LEU B 143 3.71 28.95 -1.98
C LEU B 143 2.61 28.91 -3.06
N CYS B 144 2.88 29.61 -4.14
CA CYS B 144 2.07 29.55 -5.34
C CYS B 144 2.79 28.62 -6.31
N TRP B 145 2.11 27.60 -6.84
CA TRP B 145 2.76 26.82 -7.91
C TRP B 145 1.73 26.33 -8.89
N GLU B 146 2.18 26.13 -10.11
CA GLU B 146 1.32 25.71 -11.20
C GLU B 146 1.28 24.18 -11.22
N ASP B 147 0.09 23.66 -11.02
CA ASP B 147 -0.11 22.22 -10.83
C ASP B 147 -0.35 21.54 -12.17
N SER B 148 0.63 20.77 -12.64
N SER B 148 0.62 20.76 -12.64
CA SER B 148 0.51 20.01 -13.87
CA SER B 148 0.46 20.05 -13.90
C SER B 148 -0.70 19.06 -13.89
C SER B 148 -0.70 19.06 -13.89
N ALA B 149 -1.16 18.61 -12.71
CA ALA B 149 -2.31 17.72 -12.63
C ALA B 149 -3.63 18.51 -12.72
N GLY B 150 -3.61 19.84 -12.58
CA GLY B 150 -4.83 20.64 -12.43
C GLY B 150 -5.79 20.40 -13.59
N HIS B 151 -5.23 20.28 -14.80
CA HIS B 151 -6.00 20.00 -16.01
C HIS B 151 -6.81 18.71 -15.87
N TRP B 152 -6.31 17.72 -15.09
CA TRP B 152 -6.94 16.41 -14.99
C TRP B 152 -7.82 16.30 -13.76
N LEU B 153 -7.83 17.33 -12.92
CA LEU B 153 -8.62 17.36 -11.71
C LEU B 153 -9.81 18.30 -11.85
N TYR B 154 -9.68 19.35 -12.69
CA TYR B 154 -10.70 20.37 -12.75
C TYR B 154 -11.23 20.46 -14.19
N GLU B 155 -12.56 20.59 -14.32
CA GLU B 155 -13.14 20.78 -15.65
C GLU B 155 -13.05 22.27 -16.02
N GLY C 1 -14.04 -3.87 29.86
CA GLY C 1 -14.47 -3.70 31.27
C GLY C 1 -15.20 -2.37 31.45
N HIS C 2 -15.28 -1.91 32.71
CA HIS C 2 -15.93 -0.67 33.08
C HIS C 2 -14.91 0.32 33.63
N MET C 3 -13.68 -0.12 33.89
CA MET C 3 -12.62 0.80 34.30
C MET C 3 -12.56 1.95 33.29
N THR C 4 -11.90 1.74 32.13
CA THR C 4 -11.80 2.70 31.06
C THR C 4 -12.44 2.19 29.75
N GLY C 5 -12.74 0.88 29.70
CA GLY C 5 -13.24 0.16 28.53
C GLY C 5 -12.13 -0.35 27.61
N ALA C 6 -10.89 0.05 27.88
CA ALA C 6 -9.77 -0.19 27.00
C ALA C 6 -9.37 -1.68 26.92
N HIS C 7 -9.82 -2.51 27.86
CA HIS C 7 -9.48 -3.92 27.90
C HIS C 7 -10.58 -4.78 27.26
N GLU C 8 -11.56 -4.15 26.61
CA GLU C 8 -12.58 -4.94 25.91
C GLU C 8 -11.85 -5.80 24.88
N ARG C 9 -12.40 -6.99 24.61
CA ARG C 9 -11.82 -7.87 23.63
C ARG C 9 -12.89 -8.38 22.66
N THR C 10 -12.45 -8.67 21.43
CA THR C 10 -13.33 -9.27 20.48
C THR C 10 -12.63 -10.47 19.84
N PHE C 11 -13.44 -11.38 19.33
CA PHE C 11 -12.94 -12.52 18.56
C PHE C 11 -13.11 -12.26 17.08
N LEU C 12 -12.02 -12.46 16.33
CA LEU C 12 -12.04 -12.33 14.89
C LEU C 12 -11.42 -13.58 14.29
N ALA C 13 -12.01 -14.07 13.20
CA ALA C 13 -11.46 -15.26 12.57
C ALA C 13 -11.39 -14.99 11.09
N VAL C 14 -10.22 -15.22 10.50
CA VAL C 14 -10.10 -15.20 9.05
C VAL C 14 -10.51 -16.57 8.59
N LYS C 15 -11.49 -16.59 7.66
CA LYS C 15 -12.06 -17.82 7.15
C LYS C 15 -11.17 -18.43 6.09
N PRO C 16 -11.44 -19.68 5.68
CA PRO C 16 -10.53 -20.37 4.75
C PRO C 16 -10.31 -19.60 3.47
N ASP C 17 -11.33 -18.88 2.98
CA ASP C 17 -11.20 -18.05 1.79
C ASP C 17 -10.17 -16.96 1.98
N GLY C 18 -10.05 -16.42 3.20
CA GLY C 18 -9.07 -15.37 3.48
C GLY C 18 -7.66 -15.88 3.42
N VAL C 19 -7.48 -17.12 3.93
CA VAL C 19 -6.18 -17.76 3.86
C VAL C 19 -5.83 -18.11 2.43
N GLN C 20 -6.75 -18.75 1.72
CA GLN C 20 -6.53 -19.16 0.33
C GLN C 20 -6.23 -17.97 -0.58
N ARG C 21 -6.91 -16.86 -0.34
CA ARG C 21 -6.75 -15.69 -1.22
C ARG C 21 -5.61 -14.80 -0.71
N ARG C 22 -4.88 -15.25 0.30
CA ARG C 22 -3.69 -14.55 0.72
C ARG C 22 -3.98 -13.16 1.26
N LEU C 23 -4.99 -13.06 2.13
CA LEU C 23 -5.41 -11.80 2.68
C LEU C 23 -5.21 -11.73 4.19
N VAL C 24 -4.47 -12.69 4.76
CA VAL C 24 -4.29 -12.68 6.20
C VAL C 24 -3.57 -11.42 6.65
N GLY C 25 -2.42 -11.13 6.02
CA GLY C 25 -1.63 -9.97 6.35
C GLY C 25 -2.41 -8.67 6.18
N GLU C 26 -3.13 -8.56 5.05
N GLU C 26 -3.13 -8.56 5.04
CA GLU C 26 -3.95 -7.38 4.80
CA GLU C 26 -3.97 -7.39 4.78
C GLU C 26 -4.95 -7.16 5.93
C GLU C 26 -4.95 -7.16 5.93
N ILE C 27 -5.56 -8.25 6.40
CA ILE C 27 -6.58 -8.13 7.43
C ILE C 27 -5.93 -7.72 8.76
N VAL C 28 -4.85 -8.44 9.15
CA VAL C 28 -4.15 -8.10 10.38
C VAL C 28 -3.71 -6.64 10.39
N ARG C 29 -3.18 -6.18 9.23
CA ARG C 29 -2.63 -4.85 9.11
C ARG C 29 -3.71 -3.80 9.39
N ARG C 30 -4.93 -4.08 8.95
CA ARG C 30 -5.99 -3.09 9.18
C ARG C 30 -6.31 -2.94 10.65
N PHE C 31 -6.26 -4.04 11.42
CA PHE C 31 -6.48 -3.94 12.86
C PHE C 31 -5.28 -3.31 13.54
N GLU C 32 -4.07 -3.62 13.08
CA GLU C 32 -2.90 -2.99 13.66
C GLU C 32 -2.89 -1.48 13.45
N ARG C 33 -3.23 -1.05 12.24
N ARG C 33 -3.23 -1.05 12.23
CA ARG C 33 -3.12 0.36 11.94
CA ARG C 33 -3.15 0.35 11.89
C ARG C 33 -4.22 1.14 12.66
C ARG C 33 -4.22 1.14 12.66
N LYS C 34 -5.32 0.48 13.03
CA LYS C 34 -6.39 1.10 13.77
C LYS C 34 -5.97 1.42 15.20
N GLY C 35 -5.03 0.65 15.74
CA GLY C 35 -4.56 0.88 17.08
C GLY C 35 -4.86 -0.26 18.04
N PHE C 36 -5.57 -1.29 17.56
CA PHE C 36 -5.94 -2.35 18.46
C PHE C 36 -4.75 -3.22 18.79
N LYS C 37 -4.88 -3.89 19.96
CA LYS C 37 -3.80 -4.68 20.50
C LYS C 37 -4.12 -6.15 20.26
N LEU C 38 -3.20 -6.82 19.57
CA LEU C 38 -3.36 -8.24 19.32
C LEU C 38 -3.00 -8.98 20.61
N VAL C 39 -3.95 -9.76 21.16
CA VAL C 39 -3.66 -10.46 22.39
C VAL C 39 -3.75 -11.98 22.26
N ALA C 40 -4.24 -12.48 21.13
CA ALA C 40 -4.16 -13.90 20.86
C ALA C 40 -4.24 -14.11 19.36
N LEU C 41 -3.63 -15.19 18.91
CA LEU C 41 -3.51 -15.48 17.50
C LEU C 41 -3.12 -16.95 17.32
N LYS C 42 -3.83 -17.63 16.43
CA LYS C 42 -3.41 -18.97 16.05
C LYS C 42 -4.06 -19.37 14.73
N LEU C 43 -3.31 -20.12 13.96
CA LEU C 43 -3.86 -20.84 12.80
C LEU C 43 -4.35 -22.20 13.23
N VAL C 44 -5.62 -22.52 12.94
CA VAL C 44 -6.22 -23.76 13.40
C VAL C 44 -7.13 -24.32 12.31
N GLN C 45 -7.38 -25.62 12.43
CA GLN C 45 -8.50 -26.21 11.73
C GLN C 45 -9.57 -26.58 12.73
N ALA C 46 -10.70 -25.88 12.65
CA ALA C 46 -11.71 -25.99 13.67
C ALA C 46 -12.54 -27.24 13.43
N SER C 47 -12.98 -27.89 14.51
CA SER C 47 -13.81 -29.07 14.38
C SER C 47 -15.23 -28.63 14.03
N GLU C 48 -16.00 -29.53 13.41
CA GLU C 48 -17.41 -29.26 13.15
C GLU C 48 -18.14 -29.00 14.46
N GLU C 49 -17.74 -29.72 15.52
CA GLU C 49 -18.41 -29.62 16.82
C GLU C 49 -18.29 -28.20 17.35
N LEU C 50 -17.07 -27.68 17.36
CA LEU C 50 -16.83 -26.32 17.77
C LEU C 50 -17.67 -25.36 16.92
N LEU C 51 -17.66 -25.57 15.60
CA LEU C 51 -18.35 -24.65 14.69
C LEU C 51 -19.87 -24.70 14.88
N ARG C 52 -20.40 -25.90 15.13
CA ARG C 52 -21.82 -26.02 15.41
C ARG C 52 -22.21 -25.17 16.62
N GLU C 53 -21.37 -25.20 17.65
CA GLU C 53 -21.58 -24.41 18.84
C GLU C 53 -21.40 -22.92 18.53
N HIS C 54 -20.33 -22.60 17.80
CA HIS C 54 -20.05 -21.22 17.43
C HIS C 54 -21.27 -20.60 16.76
N TYR C 55 -21.88 -21.32 15.82
CA TYR C 55 -22.95 -20.78 14.98
C TYR C 55 -24.34 -21.29 15.38
N ALA C 56 -24.49 -21.68 16.65
CA ALA C 56 -25.73 -22.27 17.12
C ALA C 56 -26.97 -21.42 16.79
N GLU C 57 -26.84 -20.10 16.83
CA GLU C 57 -27.95 -19.20 16.56
C GLU C 57 -28.50 -19.38 15.15
N LEU C 58 -27.66 -19.89 14.24
CA LEU C 58 -28.04 -20.02 12.83
C LEU C 58 -28.48 -21.43 12.47
N ARG C 59 -28.68 -22.31 13.47
CA ARG C 59 -28.90 -23.73 13.23
C ARG C 59 -30.14 -23.97 12.37
N GLU C 60 -31.11 -23.02 12.36
CA GLU C 60 -32.35 -23.20 11.61
C GLU C 60 -32.23 -22.66 10.17
N ARG C 61 -31.12 -22.01 9.83
CA ARG C 61 -30.98 -21.41 8.51
C ARG C 61 -30.55 -22.49 7.51
N PRO C 62 -31.03 -22.43 6.25
CA PRO C 62 -30.72 -23.49 5.27
C PRO C 62 -29.25 -23.66 4.91
N PHE C 63 -28.44 -22.62 5.13
CA PHE C 63 -27.00 -22.71 4.80
C PHE C 63 -26.16 -23.23 5.98
N TYR C 64 -26.79 -23.53 7.12
CA TYR C 64 -26.05 -23.80 8.33
C TYR C 64 -25.08 -24.94 8.12
N GLY C 65 -25.57 -26.06 7.57
CA GLY C 65 -24.72 -27.24 7.41
C GLY C 65 -23.51 -26.96 6.52
N ARG C 66 -23.72 -26.23 5.42
CA ARG C 66 -22.61 -25.96 4.53
C ARG C 66 -21.62 -24.97 5.14
N LEU C 67 -22.15 -24.00 5.92
CA LEU C 67 -21.30 -23.06 6.63
C LEU C 67 -20.35 -23.80 7.57
N VAL C 68 -20.92 -24.72 8.35
CA VAL C 68 -20.15 -25.51 9.30
C VAL C 68 -19.12 -26.34 8.55
N LYS C 69 -19.52 -27.00 7.47
CA LYS C 69 -18.62 -27.87 6.73
C LYS C 69 -17.50 -27.04 6.11
N TYR C 70 -17.88 -25.91 5.55
CA TYR C 70 -16.91 -25.04 4.89
C TYR C 70 -15.89 -24.49 5.90
N MET C 71 -16.36 -24.06 7.08
CA MET C 71 -15.45 -23.48 8.05
C MET C 71 -14.52 -24.53 8.64
N ALA C 72 -14.94 -25.80 8.58
CA ALA C 72 -14.14 -26.92 9.04
C ALA C 72 -13.22 -27.45 7.95
N SER C 73 -13.34 -26.93 6.73
CA SER C 73 -12.72 -27.54 5.56
C SER C 73 -11.27 -27.12 5.41
N GLY C 74 -10.83 -26.08 6.12
CA GLY C 74 -9.51 -25.59 5.86
C GLY C 74 -9.05 -24.66 6.97
N PRO C 75 -7.85 -24.07 6.85
CA PRO C 75 -7.28 -23.28 7.94
C PRO C 75 -8.06 -22.01 8.18
N VAL C 76 -8.15 -21.65 9.45
N VAL C 76 -8.14 -21.63 9.45
CA VAL C 76 -8.75 -20.40 9.90
CA VAL C 76 -8.77 -20.42 9.93
C VAL C 76 -7.73 -19.74 10.79
C VAL C 76 -7.73 -19.74 10.79
N VAL C 77 -7.66 -18.42 10.71
CA VAL C 77 -6.80 -17.66 11.60
C VAL C 77 -7.70 -17.07 12.68
N ALA C 78 -7.56 -17.60 13.90
CA ALA C 78 -8.32 -17.15 15.04
C ALA C 78 -7.52 -16.06 15.76
N MET C 79 -8.21 -14.99 16.17
CA MET C 79 -7.54 -13.84 16.79
C MET C 79 -8.42 -13.28 17.90
N VAL C 80 -7.73 -12.63 18.84
CA VAL C 80 -8.39 -11.76 19.81
C VAL C 80 -7.70 -10.41 19.78
N TRP C 81 -8.53 -9.36 19.57
CA TRP C 81 -8.02 -7.99 19.59
C TRP C 81 -8.61 -7.28 20.80
N GLN C 82 -7.82 -6.36 21.36
CA GLN C 82 -8.19 -5.64 22.56
C GLN C 82 -8.13 -4.12 22.32
N GLY C 83 -9.12 -3.43 22.88
CA GLY C 83 -9.12 -1.98 22.86
C GLY C 83 -10.52 -1.43 23.12
N LEU C 84 -10.56 -0.12 23.26
CA LEU C 84 -11.81 0.58 23.51
C LEU C 84 -12.78 0.35 22.36
N ASP C 85 -13.98 -0.12 22.75
CA ASP C 85 -15.07 -0.41 21.85
C ASP C 85 -14.63 -1.32 20.67
N VAL C 86 -13.74 -2.26 20.92
CA VAL C 86 -13.19 -3.09 19.88
C VAL C 86 -14.27 -3.94 19.20
N VAL C 87 -15.29 -4.39 19.96
CA VAL C 87 -16.28 -5.25 19.37
C VAL C 87 -17.02 -4.53 18.25
N ARG C 88 -17.62 -3.40 18.62
CA ARG C 88 -18.40 -2.63 17.67
C ARG C 88 -17.52 -2.06 16.56
N THR C 89 -16.33 -1.56 16.91
CA THR C 89 -15.46 -0.97 15.92
C THR C 89 -14.96 -2.02 14.93
N SER C 90 -14.69 -3.24 15.41
CA SER C 90 -14.22 -4.26 14.51
C SER C 90 -15.33 -4.62 13.52
N ARG C 91 -16.59 -4.62 13.99
CA ARG C 91 -17.69 -4.92 13.10
C ARG C 91 -17.72 -3.86 12.00
N ALA C 92 -17.48 -2.61 12.38
CA ALA C 92 -17.46 -1.53 11.41
C ALA C 92 -16.30 -1.70 10.43
N LEU C 93 -15.13 -2.11 10.92
CA LEU C 93 -13.96 -2.28 10.07
C LEU C 93 -14.18 -3.37 9.05
N ILE C 94 -14.83 -4.47 9.46
CA ILE C 94 -15.02 -5.59 8.57
C ILE C 94 -16.14 -5.33 7.58
N GLY C 95 -17.14 -4.59 8.03
CA GLY C 95 -18.30 -4.28 7.20
C GLY C 95 -19.43 -5.29 7.38
N ALA C 96 -20.58 -4.92 6.81
CA ALA C 96 -21.79 -5.75 6.82
C ALA C 96 -21.47 -7.21 6.43
N THR C 97 -22.17 -8.12 7.08
CA THR C 97 -22.01 -9.54 6.90
C THR C 97 -22.11 -9.90 5.42
N ASN C 98 -23.08 -9.27 4.73
CA ASN C 98 -23.21 -9.43 3.31
C ASN C 98 -22.34 -8.40 2.62
N PRO C 99 -21.27 -8.81 1.88
CA PRO C 99 -20.37 -7.84 1.27
C PRO C 99 -21.07 -6.85 0.35
N ALA C 100 -22.20 -7.24 -0.24
CA ALA C 100 -22.98 -6.34 -1.08
C ALA C 100 -23.40 -5.08 -0.33
N ASP C 101 -23.56 -5.16 0.99
CA ASP C 101 -23.98 -4.02 1.79
C ASP C 101 -22.80 -3.36 2.53
N ALA C 102 -21.57 -3.86 2.32
CA ALA C 102 -20.42 -3.34 3.04
C ALA C 102 -19.75 -2.29 2.19
N PRO C 103 -19.64 -1.03 2.65
CA PRO C 103 -19.09 0.01 1.82
C PRO C 103 -17.61 -0.20 1.56
N PRO C 104 -17.12 0.34 0.44
CA PRO C 104 -15.68 0.39 0.19
C PRO C 104 -15.01 1.07 1.38
N GLY C 105 -13.83 0.55 1.72
CA GLY C 105 -13.09 1.00 2.90
C GLY C 105 -13.17 -0.01 4.01
N THR C 106 -14.23 -0.81 4.01
CA THR C 106 -14.30 -1.95 4.91
C THR C 106 -13.60 -3.15 4.30
N ILE C 107 -13.29 -4.14 5.12
CA ILE C 107 -12.62 -5.32 4.64
C ILE C 107 -13.51 -6.02 3.62
N ARG C 108 -14.76 -6.28 3.95
CA ARG C 108 -15.59 -7.00 3.00
C ARG C 108 -15.94 -6.12 1.81
N GLY C 109 -16.13 -4.81 2.05
CA GLY C 109 -16.37 -3.88 0.95
C GLY C 109 -15.22 -3.87 -0.08
N ASP C 110 -13.98 -4.00 0.40
CA ASP C 110 -12.83 -3.94 -0.49
C ASP C 110 -12.48 -5.29 -1.10
N PHE C 111 -12.73 -6.41 -0.39
CA PHE C 111 -12.07 -7.65 -0.74
C PHE C 111 -12.99 -8.84 -1.03
N CYS C 112 -14.30 -8.77 -0.81
CA CYS C 112 -15.04 -9.94 -1.25
C CYS C 112 -16.45 -9.56 -1.71
N ILE C 113 -17.16 -10.61 -2.17
CA ILE C 113 -18.30 -10.38 -3.03
C ILE C 113 -19.57 -10.99 -2.43
N GLU C 114 -19.48 -12.23 -1.93
CA GLU C 114 -20.68 -13.02 -1.65
C GLU C 114 -20.72 -13.35 -0.16
N VAL C 115 -21.94 -13.45 0.38
CA VAL C 115 -22.15 -13.55 1.80
C VAL C 115 -21.55 -14.83 2.39
N GLY C 116 -21.50 -15.89 1.61
CA GLY C 116 -20.95 -17.15 2.09
C GLY C 116 -19.44 -17.24 1.96
N LYS C 117 -18.82 -16.32 1.25
CA LYS C 117 -17.37 -16.25 1.13
C LYS C 117 -16.94 -14.84 1.53
N ASN C 118 -17.10 -14.54 2.82
CA ASN C 118 -17.03 -13.16 3.30
C ASN C 118 -15.85 -12.93 4.24
N LEU C 119 -14.83 -13.80 4.10
CA LEU C 119 -13.44 -13.61 4.49
C LEU C 119 -13.19 -13.77 5.97
N ILE C 120 -14.14 -13.32 6.81
CA ILE C 120 -13.85 -13.09 8.22
C ILE C 120 -15.13 -13.20 9.02
N HIS C 121 -14.98 -13.55 10.31
CA HIS C 121 -16.08 -13.45 11.27
C HIS C 121 -15.60 -12.54 12.40
N GLY C 122 -16.43 -11.60 12.83
CA GLY C 122 -16.15 -10.84 14.05
C GLY C 122 -17.32 -10.96 15.02
N SER C 123 -17.07 -11.04 16.33
CA SER C 123 -18.10 -11.06 17.35
C SER C 123 -19.09 -9.92 17.14
N ASP C 124 -20.40 -10.23 17.30
CA ASP C 124 -21.40 -9.22 17.07
C ASP C 124 -21.71 -8.38 18.32
N SER C 125 -21.23 -8.81 19.48
CA SER C 125 -21.51 -8.12 20.73
C SER C 125 -20.50 -8.51 21.79
N VAL C 126 -20.48 -7.75 22.89
CA VAL C 126 -19.56 -8.06 23.97
C VAL C 126 -19.86 -9.45 24.54
N GLU C 127 -21.15 -9.80 24.68
N GLU C 127 -21.16 -9.80 24.68
CA GLU C 127 -21.47 -11.11 25.22
CA GLU C 127 -21.47 -11.11 25.25
C GLU C 127 -21.06 -12.23 24.26
C GLU C 127 -21.06 -12.22 24.27
N SER C 128 -21.34 -12.07 22.96
N SER C 128 -21.35 -12.06 22.98
CA SER C 128 -20.92 -13.07 21.99
CA SER C 128 -20.92 -13.09 22.04
C SER C 128 -19.39 -13.18 22.00
C SER C 128 -19.39 -13.18 22.03
N ALA C 129 -18.69 -12.03 22.15
CA ALA C 129 -17.23 -12.07 22.17
C ALA C 129 -16.71 -12.90 23.33
N ARG C 130 -17.29 -12.68 24.52
CA ARG C 130 -16.88 -13.43 25.70
C ARG C 130 -17.03 -14.94 25.43
N ARG C 131 -18.15 -15.30 24.83
N ARG C 131 -18.16 -15.31 24.83
CA ARG C 131 -18.44 -16.70 24.56
CA ARG C 131 -18.47 -16.70 24.53
C ARG C 131 -17.49 -17.25 23.50
C ARG C 131 -17.50 -17.25 23.49
N GLU C 132 -17.27 -16.49 22.41
CA GLU C 132 -16.43 -16.94 21.30
C GLU C 132 -14.98 -17.03 21.75
N ILE C 133 -14.49 -16.05 22.51
CA ILE C 133 -13.12 -16.09 22.97
C ILE C 133 -12.89 -17.35 23.80
N ALA C 134 -13.81 -17.63 24.72
CA ALA C 134 -13.73 -18.80 25.58
C ALA C 134 -13.77 -20.09 24.76
N LEU C 135 -14.59 -20.13 23.71
CA LEU C 135 -14.77 -21.31 22.88
C LEU C 135 -13.48 -21.62 22.12
N TRP C 136 -12.82 -20.58 21.57
CA TRP C 136 -11.74 -20.83 20.61
C TRP C 136 -10.36 -20.84 21.26
N PHE C 137 -10.22 -20.11 22.38
CA PHE C 137 -8.94 -19.98 23.05
C PHE C 137 -8.96 -20.53 24.47
N ARG C 138 -7.82 -21.04 24.93
CA ARG C 138 -7.62 -21.25 26.34
C ARG C 138 -7.17 -19.93 26.96
N ALA C 139 -7.41 -19.79 28.26
CA ALA C 139 -7.01 -18.57 28.95
C ALA C 139 -5.51 -18.29 28.78
N ASP C 140 -4.66 -19.31 28.77
CA ASP C 140 -3.24 -19.09 28.73
C ASP C 140 -2.78 -18.72 27.31
N GLU C 141 -3.70 -18.65 26.33
CA GLU C 141 -3.33 -18.18 25.01
C GLU C 141 -3.56 -16.67 24.84
N LEU C 142 -4.19 -16.04 25.84
N LEU C 142 -4.18 -16.04 25.84
CA LEU C 142 -4.47 -14.62 25.80
CA LEU C 142 -4.47 -14.62 25.81
C LEU C 142 -3.31 -13.94 26.52
C LEU C 142 -3.30 -13.94 26.52
N LEU C 143 -2.56 -13.13 25.78
CA LEU C 143 -1.34 -12.58 26.32
C LEU C 143 -1.54 -11.20 26.92
N CYS C 144 -0.87 -10.98 28.05
CA CYS C 144 -0.80 -9.67 28.64
C CYS C 144 0.54 -9.06 28.27
N TRP C 145 0.55 -7.92 27.62
CA TRP C 145 1.82 -7.30 27.24
C TRP C 145 1.65 -5.79 27.28
N GLU C 146 2.77 -5.08 27.42
CA GLU C 146 2.74 -3.65 27.61
C GLU C 146 2.81 -2.99 26.26
N ASP C 147 1.73 -2.31 25.86
CA ASP C 147 1.60 -1.79 24.51
C ASP C 147 2.15 -0.37 24.46
N SER C 148 3.33 -0.20 23.85
CA SER C 148 3.95 1.10 23.71
C SER C 148 3.08 2.10 22.92
N ALA C 149 2.19 1.62 22.06
CA ALA C 149 1.36 2.49 21.25
C ALA C 149 0.14 3.01 22.04
N GLY C 150 -0.18 2.37 23.18
CA GLY C 150 -1.27 2.83 24.04
C GLY C 150 -1.26 4.34 24.32
N HIS C 151 -0.05 4.85 24.60
CA HIS C 151 0.16 6.26 24.91
C HIS C 151 -0.34 7.16 23.77
N TRP C 152 -0.24 6.70 22.51
CA TRP C 152 -0.59 7.55 21.36
C TRP C 152 -2.00 7.28 20.87
N LEU C 153 -2.68 6.31 21.45
CA LEU C 153 -4.03 5.94 21.02
C LEU C 153 -5.08 6.37 22.05
N TYR C 154 -4.66 6.48 23.31
CA TYR C 154 -5.58 6.76 24.41
C TYR C 154 -5.17 8.07 25.10
N GLU C 155 -6.18 8.85 25.44
CA GLU C 155 -5.98 10.06 26.21
C GLU C 155 -5.64 9.68 27.67
N GLY D 5 15.71 9.45 -27.04
CA GLY D 5 15.47 8.06 -26.62
C GLY D 5 14.20 7.90 -25.79
N ALA D 6 13.49 9.00 -25.52
CA ALA D 6 12.27 8.98 -24.72
C ALA D 6 11.12 8.20 -25.39
N HIS D 7 11.18 7.97 -26.71
CA HIS D 7 10.11 7.27 -27.41
C HIS D 7 10.40 5.78 -27.54
N GLU D 8 11.47 5.27 -26.89
CA GLU D 8 11.71 3.84 -26.92
C GLU D 8 10.46 3.14 -26.38
N ARG D 9 10.19 1.93 -26.90
CA ARG D 9 9.05 1.16 -26.42
C ARG D 9 9.47 -0.27 -26.11
N THR D 10 8.77 -0.89 -25.16
CA THR D 10 8.99 -2.28 -24.86
C THR D 10 7.66 -3.00 -24.83
N PHE D 11 7.74 -4.32 -25.01
CA PHE D 11 6.55 -5.16 -24.91
C PHE D 11 6.59 -5.87 -23.59
N LEU D 12 5.48 -5.85 -22.88
CA LEU D 12 5.35 -6.60 -21.65
C LEU D 12 4.06 -7.41 -21.75
N ALA D 13 4.11 -8.66 -21.28
CA ALA D 13 2.90 -9.45 -21.19
C ALA D 13 2.79 -10.00 -19.78
N VAL D 14 1.63 -9.82 -19.16
CA VAL D 14 1.34 -10.54 -17.94
C VAL D 14 0.87 -11.91 -18.37
N LYS D 15 1.52 -12.94 -17.83
CA LYS D 15 1.26 -14.33 -18.14
C LYS D 15 0.02 -14.82 -17.44
N PRO D 16 -0.48 -16.02 -17.81
CA PRO D 16 -1.73 -16.49 -17.21
C PRO D 16 -1.69 -16.53 -15.69
N ASP D 17 -0.54 -16.85 -15.10
CA ASP D 17 -0.41 -16.90 -13.64
C ASP D 17 -0.62 -15.52 -13.03
N GLY D 18 -0.21 -14.46 -13.74
CA GLY D 18 -0.39 -13.12 -13.22
C GLY D 18 -1.86 -12.70 -13.22
N VAL D 19 -2.57 -13.13 -14.27
CA VAL D 19 -3.99 -12.87 -14.35
C VAL D 19 -4.74 -13.67 -13.28
N GLN D 20 -4.45 -14.96 -13.17
CA GLN D 20 -5.11 -15.84 -12.20
C GLN D 20 -4.87 -15.40 -10.77
N ARG D 21 -3.66 -14.90 -10.50
CA ARG D 21 -3.34 -14.48 -9.14
C ARG D 21 -3.76 -13.05 -8.87
N ARG D 22 -4.40 -12.41 -9.84
CA ARG D 22 -4.94 -11.08 -9.66
C ARG D 22 -3.86 -10.05 -9.37
N LEU D 23 -2.81 -10.07 -10.18
CA LEU D 23 -1.68 -9.18 -10.03
C LEU D 23 -1.56 -8.22 -11.21
N VAL D 24 -2.59 -8.15 -12.07
CA VAL D 24 -2.50 -7.28 -13.22
C VAL D 24 -2.35 -5.83 -12.77
N GLY D 25 -3.25 -5.37 -11.90
CA GLY D 25 -3.19 -4.00 -11.43
C GLY D 25 -1.87 -3.66 -10.73
N GLU D 26 -1.41 -4.56 -9.87
N GLU D 26 -1.41 -4.56 -9.85
CA GLU D 26 -0.14 -4.39 -9.19
CA GLU D 26 -0.13 -4.38 -9.18
C GLU D 26 0.99 -4.19 -10.20
C GLU D 26 0.99 -4.19 -10.20
N ILE D 27 0.99 -4.97 -11.28
CA ILE D 27 2.06 -4.86 -12.26
C ILE D 27 1.95 -3.56 -13.02
N VAL D 28 0.75 -3.22 -13.49
CA VAL D 28 0.56 -1.96 -14.18
C VAL D 28 0.99 -0.77 -13.32
N ARG D 29 0.58 -0.81 -12.03
CA ARG D 29 0.87 0.27 -11.12
C ARG D 29 2.39 0.49 -10.97
N ARG D 30 3.16 -0.57 -10.99
CA ARG D 30 4.60 -0.41 -10.86
C ARG D 30 5.21 0.31 -12.05
N PHE D 31 4.71 0.06 -13.26
CA PHE D 31 5.17 0.76 -14.44
C PHE D 31 4.65 2.18 -14.44
N GLU D 32 3.42 2.40 -14.03
CA GLU D 32 2.91 3.75 -13.93
C GLU D 32 3.69 4.58 -12.93
N ARG D 33 3.97 4.03 -11.77
CA ARG D 33 4.59 4.83 -10.72
C ARG D 33 6.04 5.14 -11.09
N LYS D 34 6.64 4.33 -11.96
CA LYS D 34 7.98 4.56 -12.44
C LYS D 34 8.04 5.76 -13.36
N GLY D 35 6.93 6.02 -14.06
CA GLY D 35 6.85 7.16 -14.94
C GLY D 35 6.64 6.75 -16.41
N PHE D 36 6.58 5.46 -16.70
CA PHE D 36 6.48 5.07 -18.09
C PHE D 36 5.07 5.32 -18.60
N LYS D 37 4.98 5.43 -19.93
CA LYS D 37 3.76 5.83 -20.57
C LYS D 37 3.16 4.58 -21.25
N LEU D 38 1.94 4.27 -20.86
CA LEU D 38 1.24 3.14 -21.43
C LEU D 38 0.71 3.54 -22.80
N VAL D 39 1.16 2.82 -23.85
CA VAL D 39 0.71 3.19 -25.20
C VAL D 39 -0.07 2.09 -25.90
N ALA D 40 -0.12 0.88 -25.33
CA ALA D 40 -1.03 -0.14 -25.83
C ALA D 40 -1.31 -1.14 -24.73
N LEU D 41 -2.51 -1.73 -24.77
CA LEU D 41 -2.94 -2.65 -23.73
C LEU D 41 -4.13 -3.46 -24.19
N LYS D 42 -4.05 -4.79 -23.98
CA LYS D 42 -5.20 -5.63 -24.27
C LYS D 42 -5.09 -6.94 -23.53
N LEU D 43 -6.23 -7.48 -23.17
CA LEU D 43 -6.39 -8.85 -22.71
C LEU D 43 -6.68 -9.73 -23.94
N VAL D 44 -5.85 -10.78 -24.11
CA VAL D 44 -5.95 -11.64 -25.27
C VAL D 44 -5.67 -13.08 -24.86
N GLN D 45 -6.11 -14.00 -25.74
CA GLN D 45 -5.58 -15.34 -25.69
C GLN D 45 -4.79 -15.55 -26.96
N ALA D 46 -3.48 -15.69 -26.84
CA ALA D 46 -2.62 -15.85 -27.99
C ALA D 46 -2.70 -17.29 -28.52
N SER D 47 -2.61 -17.41 -29.85
CA SER D 47 -2.52 -18.72 -30.48
C SER D 47 -1.14 -19.30 -30.27
N GLU D 48 -1.03 -20.62 -30.35
CA GLU D 48 0.27 -21.28 -30.29
C GLU D 48 1.14 -20.80 -31.43
N GLU D 49 0.55 -20.50 -32.59
CA GLU D 49 1.32 -20.11 -33.76
C GLU D 49 2.05 -18.80 -33.48
N LEU D 50 1.29 -17.81 -32.97
CA LEU D 50 1.89 -16.56 -32.58
C LEU D 50 3.01 -16.80 -31.55
N LEU D 51 2.72 -17.63 -30.56
CA LEU D 51 3.66 -17.86 -29.47
C LEU D 51 4.91 -18.59 -29.93
N ARG D 52 4.76 -19.52 -30.87
CA ARG D 52 5.92 -20.19 -31.45
C ARG D 52 6.84 -19.13 -32.06
N GLU D 53 6.26 -18.18 -32.78
CA GLU D 53 7.03 -17.11 -33.38
C GLU D 53 7.60 -16.19 -32.29
N HIS D 54 6.78 -15.82 -31.31
CA HIS D 54 7.24 -14.99 -30.21
C HIS D 54 8.52 -15.54 -29.60
N TYR D 55 8.53 -16.85 -29.31
CA TYR D 55 9.62 -17.46 -28.59
C TYR D 55 10.55 -18.28 -29.51
N ALA D 56 10.58 -17.93 -30.80
CA ALA D 56 11.34 -18.70 -31.79
C ALA D 56 12.80 -18.87 -31.37
N GLU D 57 13.39 -17.86 -30.72
CA GLU D 57 14.79 -17.93 -30.31
C GLU D 57 15.03 -19.11 -29.37
N LEU D 58 13.97 -19.56 -28.67
CA LEU D 58 14.08 -20.59 -27.66
C LEU D 58 13.69 -21.98 -28.19
N ARG D 59 13.51 -22.13 -29.51
CA ARG D 59 12.91 -23.33 -30.09
C ARG D 59 13.70 -24.60 -29.76
N GLU D 60 14.99 -24.48 -29.47
CA GLU D 60 15.86 -25.62 -29.18
C GLU D 60 15.89 -25.95 -27.70
N ARG D 61 15.22 -25.15 -26.84
CA ARG D 61 15.30 -25.39 -25.42
C ARG D 61 14.28 -26.46 -25.05
N PRO D 62 14.57 -27.33 -24.06
CA PRO D 62 13.63 -28.40 -23.70
C PRO D 62 12.27 -27.95 -23.19
N PHE D 63 12.19 -26.70 -22.70
CA PHE D 63 10.93 -26.20 -22.14
C PHE D 63 10.09 -25.48 -23.19
N TYR D 64 10.59 -25.39 -24.43
CA TYR D 64 9.93 -24.57 -25.44
C TYR D 64 8.49 -25.00 -25.63
N GLY D 65 8.25 -26.31 -25.83
CA GLY D 65 6.90 -26.77 -26.10
C GLY D 65 5.93 -26.46 -24.96
N ARG D 66 6.37 -26.67 -23.74
CA ARG D 66 5.47 -26.46 -22.62
C ARG D 66 5.23 -24.97 -22.39
N LEU D 67 6.27 -24.16 -22.63
CA LEU D 67 6.15 -22.71 -22.54
C LEU D 67 5.07 -22.20 -23.50
N VAL D 68 5.15 -22.67 -24.75
CA VAL D 68 4.20 -22.28 -25.76
C VAL D 68 2.80 -22.73 -25.35
N LYS D 69 2.66 -23.97 -24.90
CA LYS D 69 1.35 -24.50 -24.54
C LYS D 69 0.79 -23.74 -23.35
N TYR D 70 1.66 -23.46 -22.39
CA TYR D 70 1.22 -22.75 -21.18
C TYR D 70 0.76 -21.33 -21.51
N MET D 71 1.53 -20.62 -22.35
CA MET D 71 1.20 -19.24 -22.67
C MET D 71 -0.06 -19.15 -23.52
N ALA D 72 -0.39 -20.25 -24.22
CA ALA D 72 -1.60 -20.30 -25.02
C ALA D 72 -2.79 -20.80 -24.21
N SER D 73 -2.56 -21.22 -22.96
CA SER D 73 -3.55 -21.95 -22.19
C SER D 73 -4.57 -21.01 -21.55
N GLY D 74 -4.27 -19.71 -21.48
CA GLY D 74 -5.16 -18.82 -20.77
C GLY D 74 -4.88 -17.38 -21.14
N PRO D 75 -5.65 -16.44 -20.59
CA PRO D 75 -5.53 -15.03 -20.95
C PRO D 75 -4.22 -14.46 -20.48
N VAL D 76 -3.73 -13.53 -21.33
N VAL D 76 -3.77 -13.50 -21.29
CA VAL D 76 -2.54 -12.77 -21.07
CA VAL D 76 -2.54 -12.77 -21.11
C VAL D 76 -2.91 -11.30 -21.25
C VAL D 76 -2.91 -11.31 -21.26
N VAL D 77 -2.25 -10.44 -20.48
CA VAL D 77 -2.38 -9.02 -20.66
C VAL D 77 -1.18 -8.52 -21.42
N ALA D 78 -1.40 -8.13 -22.67
CA ALA D 78 -0.32 -7.60 -23.50
C ALA D 78 -0.28 -6.08 -23.39
N MET D 79 0.92 -5.52 -23.35
CA MET D 79 1.14 -4.11 -23.11
C MET D 79 2.33 -3.60 -23.89
N VAL D 80 2.30 -2.31 -24.19
CA VAL D 80 3.48 -1.58 -24.65
C VAL D 80 3.68 -0.34 -23.78
N TRP D 81 4.88 -0.17 -23.28
CA TRP D 81 5.24 0.97 -22.45
C TRP D 81 6.31 1.75 -23.17
N GLN D 82 6.26 3.07 -23.00
CA GLN D 82 7.16 3.99 -23.65
C GLN D 82 7.93 4.83 -22.63
N GLY D 83 9.23 5.01 -22.93
CA GLY D 83 10.02 5.93 -22.13
C GLY D 83 11.49 5.69 -22.33
N LEU D 84 12.27 6.58 -21.74
CA LEU D 84 13.71 6.49 -21.80
C LEU D 84 14.18 5.19 -21.18
N ASP D 85 14.96 4.46 -21.98
CA ASP D 85 15.55 3.19 -21.59
C ASP D 85 14.53 2.20 -21.03
N VAL D 86 13.30 2.24 -21.54
CA VAL D 86 12.22 1.44 -21.01
C VAL D 86 12.53 -0.06 -21.12
N VAL D 87 13.23 -0.51 -22.16
CA VAL D 87 13.46 -1.92 -22.34
C VAL D 87 14.29 -2.46 -21.19
N ARG D 88 15.47 -1.86 -21.02
CA ARG D 88 16.39 -2.30 -20.00
C ARG D 88 15.78 -2.10 -18.60
N THR D 89 15.16 -0.95 -18.37
CA THR D 89 14.62 -0.63 -17.08
C THR D 89 13.47 -1.56 -16.72
N SER D 90 12.63 -1.91 -17.69
CA SER D 90 11.55 -2.84 -17.40
C SER D 90 12.09 -4.20 -17.02
N ARG D 91 13.19 -4.61 -17.65
CA ARG D 91 13.79 -5.88 -17.26
C ARG D 91 14.25 -5.80 -15.80
N ALA D 92 14.79 -4.67 -15.41
CA ALA D 92 15.25 -4.49 -14.04
C ALA D 92 14.05 -4.50 -13.07
N LEU D 93 12.95 -3.88 -13.47
CA LEU D 93 11.76 -3.84 -12.61
C LEU D 93 11.18 -5.22 -12.39
N ILE D 94 11.19 -6.05 -13.44
N ILE D 94 11.20 -6.04 -13.45
CA ILE D 94 10.59 -7.37 -13.38
CA ILE D 94 10.57 -7.34 -13.35
C ILE D 94 11.48 -8.33 -12.62
C ILE D 94 11.48 -8.32 -12.65
N GLY D 95 12.80 -8.14 -12.75
CA GLY D 95 13.76 -9.01 -12.12
C GLY D 95 14.18 -10.18 -13.01
N ALA D 96 15.17 -10.92 -12.51
CA ALA D 96 15.75 -12.07 -13.22
C ALA D 96 14.65 -13.03 -13.65
N THR D 97 14.84 -13.59 -14.84
CA THR D 97 13.89 -14.51 -15.43
C THR D 97 13.58 -15.64 -14.45
N ASN D 98 14.61 -16.11 -13.74
CA ASN D 98 14.37 -17.08 -12.70
C ASN D 98 14.11 -16.36 -11.38
N PRO D 99 12.90 -16.45 -10.77
CA PRO D 99 12.62 -15.70 -9.56
C PRO D 99 13.58 -16.00 -8.40
N ALA D 100 14.21 -17.18 -8.42
CA ALA D 100 15.20 -17.55 -7.42
C ALA D 100 16.36 -16.53 -7.42
N ASP D 101 16.64 -15.90 -8.56
CA ASP D 101 17.73 -14.93 -8.66
C ASP D 101 17.24 -13.49 -8.60
N ALA D 102 15.93 -13.27 -8.41
CA ALA D 102 15.38 -11.92 -8.53
C ALA D 102 15.25 -11.31 -7.14
N PRO D 103 15.93 -10.20 -6.82
CA PRO D 103 15.89 -9.66 -5.46
C PRO D 103 14.52 -9.13 -5.09
N PRO D 104 14.22 -9.10 -3.80
CA PRO D 104 13.05 -8.39 -3.30
C PRO D 104 13.11 -6.95 -3.81
N GLY D 105 11.92 -6.45 -4.13
CA GLY D 105 11.74 -5.14 -4.76
C GLY D 105 11.42 -5.27 -6.23
N THR D 106 11.87 -6.36 -6.84
CA THR D 106 11.46 -6.65 -8.20
C THR D 106 10.12 -7.38 -8.22
N ILE D 107 9.46 -7.38 -9.37
CA ILE D 107 8.17 -8.06 -9.46
C ILE D 107 8.37 -9.54 -9.15
N ARG D 108 9.32 -10.19 -9.83
CA ARG D 108 9.47 -11.62 -9.57
C ARG D 108 10.01 -11.89 -8.17
N GLY D 109 10.90 -11.02 -7.70
CA GLY D 109 11.39 -11.13 -6.34
C GLY D 109 10.31 -11.03 -5.26
N ASP D 110 9.31 -10.22 -5.50
CA ASP D 110 8.25 -10.02 -4.52
C ASP D 110 7.14 -11.05 -4.66
N PHE D 111 6.89 -11.56 -5.89
CA PHE D 111 5.65 -12.27 -6.15
C PHE D 111 5.80 -13.72 -6.61
N CYS D 112 7.00 -14.17 -7.05
CA CYS D 112 7.12 -15.46 -7.67
C CYS D 112 8.19 -16.34 -7.08
N ILE D 113 8.10 -17.63 -7.43
CA ILE D 113 8.97 -18.64 -6.89
C ILE D 113 9.74 -19.35 -8.00
N GLU D 114 9.07 -19.77 -9.08
CA GLU D 114 9.62 -20.72 -10.03
C GLU D 114 9.70 -20.09 -11.42
N VAL D 115 10.71 -20.53 -12.21
CA VAL D 115 11.00 -19.89 -13.48
C VAL D 115 9.85 -20.06 -14.47
N GLY D 116 9.09 -21.16 -14.35
CA GLY D 116 7.99 -21.44 -15.24
C GLY D 116 6.72 -20.66 -14.89
N LYS D 117 6.66 -20.15 -13.66
CA LYS D 117 5.51 -19.37 -13.21
C LYS D 117 6.02 -18.02 -12.73
N ASN D 118 6.50 -17.21 -13.69
CA ASN D 118 7.26 -16.02 -13.38
C ASN D 118 6.55 -14.74 -13.83
N LEU D 119 5.21 -14.84 -13.95
CA LEU D 119 4.23 -13.76 -13.93
C LEU D 119 4.16 -12.92 -15.21
N ILE D 120 5.30 -12.65 -15.83
CA ILE D 120 5.40 -11.62 -16.83
C ILE D 120 6.53 -11.95 -17.82
N HIS D 121 6.41 -11.44 -19.05
CA HIS D 121 7.46 -11.48 -20.04
C HIS D 121 7.75 -10.02 -20.41
N GLY D 122 9.02 -9.63 -20.46
CA GLY D 122 9.38 -8.34 -20.99
C GLY D 122 10.44 -8.51 -22.08
N SER D 123 10.38 -7.69 -23.11
CA SER D 123 11.37 -7.71 -24.18
C SER D 123 12.79 -7.62 -23.62
N ASP D 124 13.71 -8.38 -24.25
CA ASP D 124 15.07 -8.39 -23.77
C ASP D 124 15.93 -7.32 -24.43
N SER D 125 15.46 -6.69 -25.51
CA SER D 125 16.23 -5.66 -26.21
C SER D 125 15.31 -4.76 -27.02
N VAL D 126 15.83 -3.63 -27.49
CA VAL D 126 15.06 -2.71 -28.31
C VAL D 126 14.58 -3.43 -29.59
N GLU D 127 15.47 -4.24 -30.20
CA GLU D 127 15.11 -4.90 -31.43
C GLU D 127 14.05 -5.98 -31.16
N SER D 128 14.23 -6.78 -30.09
N SER D 128 14.22 -6.78 -30.09
CA SER D 128 13.22 -7.78 -29.76
CA SER D 128 13.21 -7.78 -29.76
C SER D 128 11.91 -7.09 -29.44
C SER D 128 11.90 -7.09 -29.43
N ALA D 129 11.95 -5.92 -28.78
CA ALA D 129 10.71 -5.20 -28.48
C ALA D 129 9.99 -4.82 -29.77
N ARG D 130 10.72 -4.28 -30.74
CA ARG D 130 10.12 -3.89 -32.03
C ARG D 130 9.43 -5.10 -32.66
N ARG D 131 10.11 -6.25 -32.61
CA ARG D 131 9.56 -7.45 -33.20
C ARG D 131 8.33 -7.94 -32.44
N GLU D 132 8.42 -7.93 -31.11
CA GLU D 132 7.32 -8.40 -30.26
C GLU D 132 6.10 -7.48 -30.35
N ILE D 133 6.34 -6.16 -30.37
CA ILE D 133 5.26 -5.20 -30.50
C ILE D 133 4.50 -5.46 -31.79
N ALA D 134 5.27 -5.62 -32.88
CA ALA D 134 4.69 -5.85 -34.20
C ALA D 134 3.89 -7.14 -34.22
N LEU D 135 4.38 -8.17 -33.54
CA LEU D 135 3.73 -9.46 -33.54
C LEU D 135 2.38 -9.43 -32.82
N TRP D 136 2.31 -8.71 -31.71
CA TRP D 136 1.14 -8.79 -30.83
C TRP D 136 0.10 -7.72 -31.11
N PHE D 137 0.54 -6.57 -31.61
CA PHE D 137 -0.34 -5.43 -31.82
C PHE D 137 -0.39 -5.01 -33.28
N ARG D 138 -1.56 -4.53 -33.69
CA ARG D 138 -1.66 -3.77 -34.93
C ARG D 138 -1.23 -2.33 -34.68
N ALA D 139 -0.83 -1.66 -35.76
CA ALA D 139 -0.34 -0.29 -35.62
C ALA D 139 -1.40 0.60 -34.95
N ASP D 140 -2.68 0.38 -35.28
CA ASP D 140 -3.71 1.28 -34.82
C ASP D 140 -4.05 1.01 -33.35
N GLU D 141 -3.40 0.03 -32.70
CA GLU D 141 -3.59 -0.21 -31.29
C GLU D 141 -2.57 0.55 -30.43
N LEU D 142 -1.56 1.18 -31.07
CA LEU D 142 -0.52 1.90 -30.36
C LEU D 142 -0.94 3.36 -30.34
N LEU D 143 -1.19 3.90 -29.14
CA LEU D 143 -1.80 5.21 -29.07
C LEU D 143 -0.75 6.29 -28.82
N CYS D 144 -0.86 7.42 -29.53
CA CYS D 144 -0.08 8.60 -29.21
C CYS D 144 -0.94 9.53 -28.37
N TRP D 145 -0.46 9.85 -27.17
CA TRP D 145 -1.17 10.79 -26.34
C TRP D 145 -0.17 11.70 -25.67
N GLU D 146 -0.67 12.89 -25.30
CA GLU D 146 0.20 13.93 -24.78
C GLU D 146 0.29 13.77 -23.27
N ASP D 147 1.48 13.45 -22.79
CA ASP D 147 1.69 13.02 -21.41
C ASP D 147 1.96 14.24 -20.54
N SER D 148 0.98 14.58 -19.71
CA SER D 148 1.07 15.72 -18.80
C SER D 148 2.24 15.59 -17.82
N ALA D 149 2.69 14.37 -17.53
CA ALA D 149 3.78 14.17 -16.58
C ALA D 149 5.15 14.36 -17.27
N GLY D 150 5.20 14.38 -18.60
CA GLY D 150 6.46 14.30 -19.34
C GLY D 150 7.49 15.34 -18.89
N HIS D 151 6.99 16.57 -18.65
CA HIS D 151 7.81 17.68 -18.21
C HIS D 151 8.48 17.37 -16.86
N TRP D 152 7.86 16.53 -16.00
CA TRP D 152 8.39 16.25 -14.66
C TRP D 152 9.20 14.96 -14.64
N LEU D 153 9.23 14.24 -15.76
CA LEU D 153 9.97 13.00 -15.86
C LEU D 153 11.23 13.17 -16.68
N TYR D 154 11.23 14.09 -17.66
CA TYR D 154 12.32 14.20 -18.63
C TYR D 154 12.89 15.62 -18.66
N GLU D 155 14.13 15.75 -19.13
CA GLU D 155 14.76 17.06 -19.31
C GLU D 155 14.27 17.64 -20.65
N GLY E 1 27.08 11.61 15.96
CA GLY E 1 28.26 11.84 16.81
C GLY E 1 29.05 10.55 16.95
N HIS E 2 29.80 10.44 18.06
CA HIS E 2 30.63 9.27 18.33
C HIS E 2 30.07 8.51 19.54
N MET E 3 29.19 9.13 20.32
CA MET E 3 28.60 8.46 21.47
C MET E 3 28.04 7.10 21.05
N THR E 4 26.84 7.11 20.44
CA THR E 4 26.23 5.91 19.86
C THR E 4 26.08 6.03 18.34
N GLY E 5 26.19 7.28 17.80
CA GLY E 5 25.98 7.60 16.40
C GLY E 5 24.49 7.87 16.05
N ALA E 6 23.61 7.66 17.02
CA ALA E 6 22.17 7.72 16.81
C ALA E 6 21.67 9.15 16.52
N HIS E 7 22.47 10.19 16.77
CA HIS E 7 22.05 11.56 16.55
C HIS E 7 22.59 12.09 15.24
N GLU E 8 23.17 11.24 14.39
CA GLU E 8 23.61 11.69 13.08
C GLU E 8 22.40 12.26 12.35
N ARG E 9 22.64 13.26 11.49
CA ARG E 9 21.56 13.84 10.71
C ARG E 9 21.92 13.92 9.24
N THR E 10 20.89 13.84 8.39
CA THR E 10 21.10 14.07 6.98
C THR E 10 20.06 15.06 6.47
N PHE E 11 20.43 15.72 5.38
CA PHE E 11 19.52 16.61 4.67
C PHE E 11 18.94 15.88 3.46
N LEU E 12 17.63 15.92 3.34
CA LEU E 12 16.94 15.38 2.17
C LEU E 12 16.00 16.45 1.63
N ALA E 13 15.91 16.55 0.31
CA ALA E 13 15.00 17.50 -0.29
C ALA E 13 14.21 16.79 -1.37
N VAL E 14 12.90 16.90 -1.33
CA VAL E 14 12.08 16.45 -2.44
C VAL E 14 12.07 17.59 -3.45
N LYS E 15 12.46 17.24 -4.69
CA LYS E 15 12.55 18.20 -5.78
C LYS E 15 11.17 18.51 -6.35
N PRO E 16 11.07 19.56 -7.20
CA PRO E 16 9.78 19.97 -7.71
C PRO E 16 9.03 18.87 -8.44
N ASP E 17 9.74 17.96 -9.10
CA ASP E 17 9.11 16.82 -9.77
C ASP E 17 8.41 15.92 -8.76
N GLY E 18 8.97 15.79 -7.55
CA GLY E 18 8.39 14.95 -6.53
C GLY E 18 7.09 15.55 -5.99
N VAL E 19 7.07 16.89 -5.89
CA VAL E 19 5.85 17.57 -5.48
C VAL E 19 4.78 17.46 -6.57
N GLN E 20 5.15 17.80 -7.82
CA GLN E 20 4.23 17.74 -8.95
C GLN E 20 3.65 16.35 -9.17
N ARG E 21 4.46 15.32 -8.98
CA ARG E 21 4.01 13.96 -9.22
C ARG E 21 3.40 13.35 -7.97
N ARG E 22 3.22 14.13 -6.93
CA ARG E 22 2.48 13.70 -5.77
C ARG E 22 3.14 12.52 -5.04
N LEU E 23 4.44 12.64 -4.84
CA LEU E 23 5.22 11.61 -4.20
C LEU E 23 5.80 12.06 -2.87
N VAL E 24 5.34 13.21 -2.34
CA VAL E 24 5.92 13.66 -1.08
C VAL E 24 5.63 12.66 0.04
N GLY E 25 4.35 12.30 0.19
CA GLY E 25 3.93 11.36 1.21
C GLY E 25 4.62 10.02 1.08
N GLU E 26 4.68 9.50 -0.14
N GLU E 26 4.67 9.49 -0.16
CA GLU E 26 5.36 8.24 -0.40
CA GLU E 26 5.35 8.24 -0.42
C GLU E 26 6.81 8.29 0.08
C GLU E 26 6.80 8.29 0.06
N ILE E 27 7.49 9.40 -0.20
CA ILE E 27 8.88 9.51 0.19
C ILE E 27 9.02 9.63 1.70
N VAL E 28 8.21 10.49 2.33
CA VAL E 28 8.25 10.62 3.78
C VAL E 28 8.00 9.28 4.46
N ARG E 29 7.01 8.54 3.95
CA ARG E 29 6.61 7.28 4.53
C ARG E 29 7.75 6.29 4.54
N ARG E 30 8.56 6.30 3.48
CA ARG E 30 9.68 5.36 3.44
C ARG E 30 10.73 5.65 4.52
N PHE E 31 10.97 6.92 4.82
CA PHE E 31 11.88 7.26 5.91
C PHE E 31 11.25 6.97 7.25
N GLU E 32 9.96 7.24 7.40
CA GLU E 32 9.27 6.91 8.64
C GLU E 32 9.31 5.42 8.91
N ARG E 33 9.02 4.60 7.91
CA ARG E 33 8.88 3.18 8.15
C ARG E 33 10.26 2.57 8.44
N LYS E 34 11.33 3.22 7.97
CA LYS E 34 12.67 2.75 8.22
C LYS E 34 13.08 2.94 9.67
N GLY E 35 12.45 3.92 10.35
CA GLY E 35 12.74 4.15 11.75
C GLY E 35 13.43 5.47 12.01
N PHE E 36 13.71 6.25 10.96
CA PHE E 36 14.38 7.50 11.17
C PHE E 36 13.44 8.52 11.78
N LYS E 37 14.08 9.51 12.42
CA LYS E 37 13.35 10.52 13.16
C LYS E 37 13.36 11.81 12.36
N LEU E 38 12.17 12.28 12.08
CA LEU E 38 12.04 13.57 11.38
C LEU E 38 12.31 14.70 12.37
N VAL E 39 13.35 15.52 12.09
CA VAL E 39 13.66 16.58 13.04
C VAL E 39 13.51 17.97 12.43
N ALA E 40 13.35 18.07 11.12
CA ALA E 40 12.99 19.32 10.50
C ALA E 40 12.26 19.02 9.20
N LEU E 41 11.45 19.98 8.76
CA LEU E 41 10.61 19.83 7.60
C LEU E 41 10.03 21.19 7.23
N LYS E 42 10.16 21.54 5.95
CA LYS E 42 9.48 22.74 5.45
C LYS E 42 9.34 22.67 3.94
N LEU E 43 8.25 23.26 3.46
CA LEU E 43 8.08 23.52 2.05
C LEU E 43 8.60 24.91 1.72
N VAL E 44 9.51 24.99 0.76
CA VAL E 44 10.13 26.26 0.41
C VAL E 44 10.23 26.38 -1.11
N GLN E 45 10.37 27.66 -1.53
CA GLN E 45 10.89 27.91 -2.85
C GLN E 45 12.28 28.48 -2.72
N ALA E 46 13.27 27.69 -3.14
CA ALA E 46 14.65 27.97 -2.84
C ALA E 46 15.13 29.01 -3.85
N SER E 47 15.98 29.94 -3.38
CA SER E 47 16.54 30.95 -4.26
C SER E 47 17.63 30.30 -5.11
N GLU E 48 17.91 30.90 -6.27
CA GLU E 48 19.02 30.48 -7.09
C GLU E 48 20.32 30.58 -6.32
N GLU E 49 20.43 31.60 -5.46
CA GLU E 49 21.66 31.87 -4.74
C GLU E 49 21.98 30.71 -3.81
N LEU E 50 20.97 30.30 -3.03
CA LEU E 50 21.13 29.17 -2.14
C LEU E 50 21.51 27.94 -2.96
N LEU E 51 20.82 27.72 -4.08
CA LEU E 51 21.04 26.51 -4.87
C LEU E 51 22.42 26.51 -5.51
N ARG E 52 22.90 27.68 -5.96
CA ARG E 52 24.25 27.79 -6.50
C ARG E 52 25.27 27.32 -5.46
N GLU E 53 25.06 27.74 -4.21
CA GLU E 53 25.92 27.35 -3.12
C GLU E 53 25.76 25.85 -2.82
N HIS E 54 24.48 25.40 -2.76
CA HIS E 54 24.22 24.01 -2.50
C HIS E 54 25.00 23.12 -3.46
N TYR E 55 24.95 23.45 -4.76
CA TYR E 55 25.52 22.60 -5.80
C TYR E 55 26.86 23.10 -6.34
N ALA E 56 27.57 23.87 -5.52
CA ALA E 56 28.85 24.46 -5.92
C ALA E 56 29.81 23.44 -6.53
N GLU E 57 29.84 22.21 -6.01
CA GLU E 57 30.75 21.19 -6.49
C GLU E 57 30.52 20.86 -7.97
N LEU E 58 29.30 21.13 -8.46
CA LEU E 58 28.92 20.79 -9.82
C LEU E 58 29.03 21.97 -10.79
N ARG E 59 29.61 23.10 -10.35
CA ARG E 59 29.58 24.35 -11.11
C ARG E 59 30.17 24.18 -12.52
N GLU E 60 31.08 23.20 -12.72
CA GLU E 60 31.74 23.00 -14.00
C GLU E 60 30.98 22.06 -14.92
N ARG E 61 29.88 21.46 -14.43
CA ARG E 61 29.14 20.52 -15.26
C ARG E 61 28.22 21.29 -16.21
N PRO E 62 27.99 20.82 -17.45
CA PRO E 62 27.13 21.54 -18.40
C PRO E 62 25.68 21.74 -17.97
N PHE E 63 25.19 20.90 -17.07
CA PHE E 63 23.79 20.95 -16.64
C PHE E 63 23.63 21.81 -15.38
N TYR E 64 24.72 22.37 -14.86
CA TYR E 64 24.67 23.11 -13.62
C TYR E 64 23.62 24.22 -13.67
N GLY E 65 23.67 25.06 -14.71
CA GLY E 65 22.75 26.18 -14.81
C GLY E 65 21.29 25.73 -14.80
N ARG E 66 20.98 24.69 -15.57
CA ARG E 66 19.61 24.23 -15.68
C ARG E 66 19.16 23.57 -14.37
N LEU E 67 20.08 22.87 -13.70
CA LEU E 67 19.80 22.26 -12.39
C LEU E 67 19.38 23.34 -11.40
N VAL E 68 20.16 24.42 -11.34
CA VAL E 68 19.88 25.52 -10.44
C VAL E 68 18.53 26.14 -10.79
N LYS E 69 18.28 26.40 -12.09
CA LYS E 69 17.05 27.04 -12.52
C LYS E 69 15.87 26.14 -12.21
N TYR E 70 16.05 24.85 -12.48
CA TYR E 70 14.97 23.89 -12.27
C TYR E 70 14.62 23.78 -10.77
N MET E 71 15.64 23.72 -9.91
CA MET E 71 15.39 23.53 -8.49
C MET E 71 14.75 24.78 -7.88
N ALA E 72 14.95 25.94 -8.53
CA ALA E 72 14.35 27.20 -8.10
C ALA E 72 12.96 27.39 -8.69
N SER E 73 12.54 26.52 -9.61
CA SER E 73 11.38 26.75 -10.44
C SER E 73 10.08 26.38 -9.75
N GLY E 74 10.15 25.62 -8.64
CA GLY E 74 8.94 25.10 -8.02
C GLY E 74 9.19 24.77 -6.56
N PRO E 75 8.18 24.29 -5.82
CA PRO E 75 8.35 24.01 -4.40
C PRO E 75 9.28 22.83 -4.21
N VAL E 76 10.03 22.88 -3.12
CA VAL E 76 10.89 21.81 -2.66
C VAL E 76 10.52 21.54 -1.23
N VAL E 77 10.53 20.26 -0.87
CA VAL E 77 10.32 19.89 0.52
C VAL E 77 11.67 19.58 1.13
N ALA E 78 12.11 20.47 2.03
CA ALA E 78 13.36 20.31 2.72
C ALA E 78 13.14 19.56 4.03
N MET E 79 14.02 18.61 4.33
CA MET E 79 13.87 17.75 5.50
C MET E 79 15.23 17.50 6.15
N VAL E 80 15.18 17.23 7.45
CA VAL E 80 16.30 16.63 8.15
C VAL E 80 15.82 15.38 8.90
N TRP E 81 16.51 14.27 8.66
CA TRP E 81 16.23 13.02 9.32
C TRP E 81 17.40 12.68 10.22
N GLN E 82 17.09 12.03 11.34
CA GLN E 82 18.08 11.68 12.34
C GLN E 82 18.04 10.18 12.64
N GLY E 83 19.25 9.62 12.83
CA GLY E 83 19.37 8.24 13.27
C GLY E 83 20.72 7.67 12.92
N LEU E 84 20.95 6.45 13.42
CA LEU E 84 22.21 5.77 13.19
C LEU E 84 22.47 5.57 11.71
N ASP E 85 23.64 6.04 11.27
CA ASP E 85 24.11 5.95 9.90
C ASP E 85 23.09 6.50 8.90
N VAL E 86 22.35 7.53 9.27
CA VAL E 86 21.25 8.02 8.45
C VAL E 86 21.76 8.55 7.10
N VAL E 87 22.97 9.14 7.04
CA VAL E 87 23.44 9.72 5.79
C VAL E 87 23.60 8.61 4.75
N ARG E 88 24.39 7.59 5.10
CA ARG E 88 24.66 6.52 4.18
C ARG E 88 23.40 5.71 3.89
N THR E 89 22.62 5.42 4.93
CA THR E 89 21.41 4.62 4.74
C THR E 89 20.41 5.38 3.86
N SER E 90 20.28 6.68 4.03
CA SER E 90 19.36 7.43 3.20
C SER E 90 19.78 7.39 1.75
N ARG E 91 21.07 7.45 1.49
CA ARG E 91 21.55 7.35 0.12
C ARG E 91 21.12 5.99 -0.45
N ALA E 92 21.22 4.94 0.35
CA ALA E 92 20.83 3.62 -0.11
C ALA E 92 19.32 3.56 -0.36
N LEU E 93 18.53 4.18 0.53
CA LEU E 93 17.09 4.17 0.36
C LEU E 93 16.66 4.92 -0.89
N ILE E 94 17.34 5.99 -1.22
CA ILE E 94 16.95 6.78 -2.37
C ILE E 94 17.43 6.14 -3.65
N GLY E 95 18.57 5.48 -3.59
CA GLY E 95 19.19 4.87 -4.76
C GLY E 95 20.16 5.80 -5.46
N ALA E 96 20.91 5.20 -6.40
CA ALA E 96 21.88 5.89 -7.24
C ALA E 96 21.27 7.16 -7.83
N THR E 97 22.13 8.18 -7.93
CA THR E 97 21.78 9.48 -8.43
C THR E 97 21.07 9.35 -9.78
N ASN E 98 21.59 8.48 -10.63
CA ASN E 98 20.97 8.20 -11.89
C ASN E 98 19.97 7.06 -11.71
N PRO E 99 18.65 7.30 -11.91
CA PRO E 99 17.66 6.25 -11.64
C PRO E 99 17.90 4.98 -12.44
N ALA E 100 18.56 5.09 -13.61
CA ALA E 100 18.90 3.92 -14.39
C ALA E 100 19.75 2.94 -13.60
N ASP E 101 20.55 3.41 -12.64
CA ASP E 101 21.41 2.55 -11.85
C ASP E 101 20.82 2.22 -10.46
N ALA E 102 19.61 2.71 -10.18
CA ALA E 102 19.02 2.53 -8.86
C ALA E 102 18.11 1.31 -8.91
N PRO E 103 18.35 0.27 -8.10
CA PRO E 103 17.55 -0.93 -8.18
C PRO E 103 16.13 -0.69 -7.71
N PRO E 104 15.20 -1.53 -8.19
CA PRO E 104 13.85 -1.55 -7.67
C PRO E 104 13.94 -1.76 -6.17
N GLY E 105 13.04 -1.08 -5.45
CA GLY E 105 13.03 -1.07 -4.00
C GLY E 105 13.56 0.24 -3.46
N THR E 106 14.41 0.91 -4.24
CA THR E 106 14.82 2.25 -3.87
C THR E 106 13.81 3.27 -4.39
N ILE E 107 13.87 4.48 -3.87
CA ILE E 107 12.95 5.54 -4.28
C ILE E 107 13.13 5.81 -5.77
N ARG E 108 14.36 6.05 -6.21
CA ARG E 108 14.52 6.38 -7.60
C ARG E 108 14.29 5.16 -8.48
N GLY E 109 14.70 3.96 -7.99
CA GLY E 109 14.43 2.74 -8.73
C GLY E 109 12.94 2.50 -8.96
N ASP E 110 12.10 2.86 -7.98
CA ASP E 110 10.67 2.60 -8.11
C ASP E 110 9.94 3.74 -8.84
N PHE E 111 10.42 4.98 -8.73
CA PHE E 111 9.58 6.12 -9.04
C PHE E 111 10.09 7.09 -10.09
N CYS E 112 11.33 6.98 -10.58
CA CYS E 112 11.62 7.90 -11.67
C CYS E 112 12.64 7.30 -12.63
N ILE E 113 12.90 8.08 -13.67
CA ILE E 113 13.51 7.50 -14.88
C ILE E 113 14.85 8.16 -15.18
N GLU E 114 14.93 9.50 -15.13
CA GLU E 114 16.06 10.23 -15.72
C GLU E 114 16.80 11.02 -14.64
N VAL E 115 18.10 11.19 -14.83
CA VAL E 115 18.98 11.72 -13.80
C VAL E 115 18.63 13.16 -13.44
N GLY E 116 18.10 13.92 -14.41
CA GLY E 116 17.75 15.31 -14.16
C GLY E 116 16.39 15.47 -13.48
N LYS E 117 15.59 14.42 -13.49
CA LYS E 117 14.29 14.43 -12.82
C LYS E 117 14.25 13.25 -11.86
N ASN E 118 15.05 13.36 -10.80
CA ASN E 118 15.34 12.20 -9.96
C ASN E 118 14.81 12.35 -8.54
N LEU E 119 13.79 13.23 -8.41
CA LEU E 119 12.81 13.26 -7.32
C LEU E 119 13.32 13.87 -6.04
N ILE E 120 14.59 13.63 -5.71
CA ILE E 120 15.07 13.88 -4.36
C ILE E 120 16.57 14.15 -4.38
N HIS E 121 17.06 14.87 -3.36
CA HIS E 121 18.48 15.01 -3.11
C HIS E 121 18.71 14.54 -1.68
N GLY E 122 19.73 13.72 -1.45
CA GLY E 122 20.18 13.39 -0.10
C GLY E 122 21.67 13.71 0.06
N SER E 123 22.08 14.21 1.24
CA SER E 123 23.49 14.48 1.48
C SER E 123 24.35 13.27 1.18
N ASP E 124 25.53 13.50 0.57
CA ASP E 124 26.36 12.38 0.17
C ASP E 124 27.33 11.95 1.28
N SER E 125 27.47 12.73 2.34
CA SER E 125 28.42 12.43 3.41
C SER E 125 28.05 13.19 4.66
N VAL E 126 28.64 12.81 5.80
CA VAL E 126 28.38 13.52 7.04
C VAL E 126 28.79 14.99 6.92
N GLU E 127 29.92 15.27 6.28
N GLU E 127 29.93 15.28 6.28
CA GLU E 127 30.35 16.66 6.16
CA GLU E 127 30.38 16.67 6.16
C GLU E 127 29.41 17.45 5.25
C GLU E 127 29.42 17.45 5.25
N SER E 128 29.01 16.87 4.10
N SER E 128 29.00 16.85 4.12
CA SER E 128 28.05 17.55 3.24
CA SER E 128 28.07 17.58 3.27
C SER E 128 26.73 17.76 3.98
C SER E 128 26.73 17.76 3.99
N ALA E 129 26.33 16.78 4.82
CA ALA E 129 25.07 16.92 5.56
C ALA E 129 25.13 18.11 6.51
N ARG E 130 26.26 18.22 7.24
CA ARG E 130 26.43 19.35 8.16
C ARG E 130 26.28 20.68 7.41
N ARG E 131 26.90 20.74 6.25
CA ARG E 131 26.90 21.95 5.45
C ARG E 131 25.50 22.23 4.91
N GLU E 132 24.83 21.21 4.39
CA GLU E 132 23.50 21.37 3.77
C GLU E 132 22.47 21.72 4.83
N ILE E 133 22.53 21.05 5.99
CA ILE E 133 21.61 21.36 7.07
C ILE E 133 21.71 22.82 7.45
N ALA E 134 22.95 23.28 7.65
CA ALA E 134 23.20 24.66 8.03
C ALA E 134 22.70 25.64 6.96
N LEU E 135 22.90 25.30 5.69
CA LEU E 135 22.50 26.16 4.58
C LEU E 135 20.98 26.31 4.51
N TRP E 136 20.23 25.23 4.72
CA TRP E 136 18.80 25.24 4.44
C TRP E 136 17.95 25.58 5.65
N PHE E 137 18.45 25.26 6.85
CA PHE E 137 17.69 25.41 8.07
C PHE E 137 18.38 26.32 9.08
N ARG E 138 17.59 27.08 9.84
CA ARG E 138 18.09 27.70 11.03
C ARG E 138 18.13 26.67 12.15
N ALA E 139 18.97 26.90 13.15
CA ALA E 139 19.07 26.00 14.27
C ALA E 139 17.71 25.81 14.94
N ASP E 140 16.88 26.85 15.01
CA ASP E 140 15.63 26.74 15.75
C ASP E 140 14.57 25.98 14.94
N GLU E 141 14.90 25.54 13.72
CA GLU E 141 13.98 24.71 12.95
C GLU E 141 14.26 23.21 13.17
N LEU E 142 15.32 22.88 13.88
CA LEU E 142 15.69 21.50 14.13
C LEU E 142 15.13 21.14 15.49
N LEU E 143 14.18 20.22 15.53
CA LEU E 143 13.44 19.99 16.75
C LEU E 143 14.02 18.81 17.54
N CYS E 144 14.07 19.00 18.85
CA CYS E 144 14.40 17.94 19.78
C CYS E 144 13.08 17.40 20.31
N TRP E 145 12.84 16.12 20.12
CA TRP E 145 11.61 15.53 20.65
C TRP E 145 11.89 14.10 21.04
N GLU E 146 11.06 13.57 21.93
CA GLU E 146 11.29 12.27 22.55
C GLU E 146 10.62 11.23 21.67
N ASP E 147 11.42 10.38 21.01
CA ASP E 147 10.89 9.46 20.02
C ASP E 147 10.52 8.15 20.68
N SER E 148 9.22 7.89 20.86
CA SER E 148 8.73 6.69 21.49
C SER E 148 9.14 5.42 20.73
N ALA E 149 9.41 5.52 19.42
CA ALA E 149 9.80 4.36 18.65
C ALA E 149 11.28 4.02 18.80
N GLY E 150 12.09 4.95 19.37
CA GLY E 150 13.50 4.69 19.60
C GLY E 150 13.78 3.37 20.32
N HIS E 151 12.95 3.07 21.31
CA HIS E 151 13.06 1.84 22.09
C HIS E 151 12.99 0.60 21.19
N TRP E 152 12.23 0.65 20.09
CA TRP E 152 12.02 -0.52 19.25
C TRP E 152 12.96 -0.55 18.06
N LEU E 153 13.75 0.50 17.88
CA LEU E 153 14.67 0.61 16.75
C LEU E 153 16.12 0.45 17.21
N TYR E 154 16.40 0.76 18.48
CA TYR E 154 17.75 0.79 19.00
C TYR E 154 17.87 -0.20 20.18
N GLU E 155 18.95 -0.95 20.15
CA GLU E 155 19.25 -1.88 21.23
C GLU E 155 19.71 -1.10 22.48
N THR F 4 11.86 -32.79 0.05
CA THR F 4 10.47 -32.30 0.27
C THR F 4 10.10 -31.18 -0.71
N GLY F 5 11.09 -30.55 -1.37
CA GLY F 5 10.88 -29.72 -2.56
C GLY F 5 9.88 -28.62 -2.22
N ALA F 6 8.68 -28.66 -2.83
CA ALA F 6 7.62 -27.72 -2.53
C ALA F 6 7.10 -27.80 -1.10
N HIS F 7 7.39 -28.89 -0.35
CA HIS F 7 6.88 -29.06 1.00
C HIS F 7 7.93 -28.60 2.03
N GLU F 8 9.04 -27.99 1.58
CA GLU F 8 10.02 -27.52 2.54
C GLU F 8 9.33 -26.51 3.45
N ARG F 9 9.77 -26.44 4.71
CA ARG F 9 9.22 -25.48 5.65
C ARG F 9 10.33 -24.67 6.33
N THR F 10 9.99 -23.43 6.72
CA THR F 10 10.91 -22.64 7.52
C THR F 10 10.18 -22.05 8.70
N PHE F 11 10.95 -21.73 9.74
CA PHE F 11 10.42 -21.07 10.92
C PHE F 11 10.76 -19.58 10.83
N LEU F 12 9.75 -18.76 11.05
CA LEU F 12 9.94 -17.32 11.11
C LEU F 12 9.29 -16.82 12.39
N ALA F 13 9.91 -15.89 13.07
CA ALA F 13 9.30 -15.30 14.24
C ALA F 13 9.40 -13.79 14.11
N VAL F 14 8.30 -13.10 14.33
CA VAL F 14 8.32 -11.67 14.43
C VAL F 14 8.68 -11.41 15.89
N LYS F 15 9.71 -10.59 16.07
CA LYS F 15 10.25 -10.27 17.38
C LYS F 15 9.40 -9.22 18.05
N PRO F 16 9.64 -8.93 19.34
CA PRO F 16 8.79 -7.98 20.05
C PRO F 16 8.72 -6.63 19.37
N ASP F 17 9.85 -6.16 18.78
CA ASP F 17 9.85 -4.89 18.07
C ASP F 17 8.87 -4.90 16.89
N GLY F 18 8.74 -6.07 16.20
CA GLY F 18 7.82 -6.11 15.06
C GLY F 18 6.36 -6.02 15.50
N VAL F 19 6.06 -6.62 16.64
CA VAL F 19 4.73 -6.57 17.22
C VAL F 19 4.43 -5.14 17.69
N GLN F 20 5.33 -4.57 18.47
CA GLN F 20 5.18 -3.24 19.02
C GLN F 20 5.04 -2.17 17.93
N ARG F 21 5.77 -2.33 16.81
CA ARG F 21 5.75 -1.35 15.76
C ARG F 21 4.62 -1.65 14.77
N ARG F 22 3.80 -2.65 15.07
CA ARG F 22 2.62 -2.92 14.26
C ARG F 22 2.95 -3.31 12.83
N LEU F 23 3.88 -4.21 12.68
CA LEU F 23 4.36 -4.67 11.40
C LEU F 23 4.09 -6.16 11.19
N VAL F 24 3.22 -6.75 12.00
CA VAL F 24 2.94 -8.17 11.83
C VAL F 24 2.25 -8.42 10.48
N GLY F 25 1.19 -7.66 10.22
CA GLY F 25 0.47 -7.79 8.96
C GLY F 25 1.35 -7.54 7.75
N GLU F 26 2.16 -6.47 7.81
N GLU F 26 2.15 -6.47 7.84
CA GLU F 26 3.09 -6.14 6.74
CA GLU F 26 3.09 -6.13 6.78
C GLU F 26 4.01 -7.32 6.44
C GLU F 26 3.95 -7.34 6.46
N ILE F 27 4.53 -7.95 7.49
CA ILE F 27 5.45 -9.08 7.31
C ILE F 27 4.73 -10.27 6.71
N VAL F 28 3.59 -10.63 7.28
CA VAL F 28 2.83 -11.75 6.76
C VAL F 28 2.48 -11.54 5.28
N ARG F 29 2.07 -10.31 4.93
CA ARG F 29 1.64 -9.99 3.60
C ARG F 29 2.75 -10.24 2.60
N ARG F 30 3.98 -9.91 2.98
CA ARG F 30 5.09 -10.13 2.06
C ARG F 30 5.33 -11.59 1.76
N PHE F 31 5.14 -12.47 2.75
CA PHE F 31 5.29 -13.89 2.54
C PHE F 31 4.10 -14.42 1.74
N GLU F 32 2.90 -13.92 2.02
CA GLU F 32 1.75 -14.35 1.25
C GLU F 32 1.90 -13.97 -0.22
N ARG F 33 2.33 -12.75 -0.50
CA ARG F 33 2.35 -12.27 -1.85
C ARG F 33 3.44 -12.97 -2.64
N LYS F 34 4.45 -13.49 -1.94
CA LYS F 34 5.53 -14.22 -2.59
C LYS F 34 5.04 -15.58 -3.06
N GLY F 35 4.00 -16.12 -2.41
CA GLY F 35 3.43 -17.39 -2.82
C GLY F 35 3.62 -18.48 -1.79
N PHE F 36 4.23 -18.16 -0.66
CA PHE F 36 4.44 -19.20 0.33
C PHE F 36 3.14 -19.48 1.08
N LYS F 37 3.08 -20.68 1.63
CA LYS F 37 1.90 -21.21 2.27
C LYS F 37 2.11 -21.14 3.78
N LEU F 38 1.22 -20.43 4.44
CA LEU F 38 1.27 -20.35 5.89
C LEU F 38 0.71 -21.65 6.46
N VAL F 39 1.53 -22.36 7.23
CA VAL F 39 1.08 -23.63 7.78
C VAL F 39 1.07 -23.64 9.31
N ALA F 40 1.60 -22.62 9.96
CA ALA F 40 1.43 -22.48 11.40
C ALA F 40 1.62 -21.03 11.78
N LEU F 41 0.95 -20.65 12.88
CA LEU F 41 0.96 -19.26 13.31
C LEU F 41 0.43 -19.17 14.73
N LYS F 42 1.20 -18.48 15.58
CA LYS F 42 0.68 -18.19 16.91
C LYS F 42 1.41 -17.02 17.54
N LEU F 43 0.68 -16.31 18.42
CA LEU F 43 1.25 -15.29 19.27
C LEU F 43 1.59 -15.94 20.60
N VAL F 44 2.86 -15.81 20.98
CA VAL F 44 3.33 -16.43 22.23
C VAL F 44 4.25 -15.45 22.96
N GLN F 45 4.40 -15.74 24.25
CA GLN F 45 5.51 -15.19 24.99
C GLN F 45 6.44 -16.35 25.32
N ALA F 46 7.63 -16.33 24.73
CA ALA F 46 8.53 -17.46 24.85
C ALA F 46 9.27 -17.37 26.18
N SER F 47 9.50 -18.53 26.81
CA SER F 47 10.28 -18.57 28.03
C SER F 47 11.75 -18.36 27.69
N GLU F 48 12.52 -17.92 28.69
CA GLU F 48 13.95 -17.81 28.54
C GLU F 48 14.55 -19.18 28.26
N GLU F 49 13.96 -20.24 28.85
CA GLU F 49 14.49 -21.60 28.66
C GLU F 49 14.41 -21.99 27.20
N LEU F 50 13.23 -21.81 26.60
CA LEU F 50 13.06 -22.08 25.19
C LEU F 50 14.08 -21.28 24.38
N LEU F 51 14.21 -19.99 24.70
CA LEU F 51 15.07 -19.13 23.89
C LEU F 51 16.55 -19.47 24.05
N ARG F 52 16.95 -19.88 25.26
CA ARG F 52 18.31 -20.35 25.47
C ARG F 52 18.61 -21.51 24.52
N GLU F 53 17.65 -22.42 24.40
CA GLU F 53 17.79 -23.57 23.53
C GLU F 53 17.75 -23.11 22.06
N HIS F 54 16.79 -22.22 21.73
CA HIS F 54 16.67 -21.70 20.37
C HIS F 54 18.04 -21.17 19.91
N TYR F 55 18.69 -20.35 20.75
CA TYR F 55 19.91 -19.65 20.36
C TYR F 55 21.18 -20.31 20.90
N ALA F 56 21.11 -21.61 21.24
CA ALA F 56 22.23 -22.28 21.89
C ALA F 56 23.56 -22.11 21.15
N GLU F 57 23.53 -22.08 19.81
CA GLU F 57 24.72 -21.94 19.00
C GLU F 57 25.47 -20.64 19.33
N LEU F 58 24.75 -19.63 19.84
CA LEU F 58 25.31 -18.32 20.11
C LEU F 58 25.69 -18.11 21.57
N ARG F 59 25.68 -19.17 22.39
CA ARG F 59 25.83 -19.04 23.83
C ARG F 59 27.14 -18.35 24.23
N GLU F 60 28.19 -18.41 23.39
CA GLU F 60 29.47 -17.78 23.73
C GLU F 60 29.58 -16.34 23.23
N ARG F 61 28.55 -15.84 22.53
CA ARG F 61 28.60 -14.47 22.04
C ARG F 61 28.22 -13.50 23.16
N PRO F 62 28.82 -12.29 23.23
CA PRO F 62 28.53 -11.34 24.30
C PRO F 62 27.10 -10.84 24.38
N PHE F 63 26.37 -10.92 23.26
CA PHE F 63 24.99 -10.44 23.20
C PHE F 63 23.98 -11.53 23.55
N TYR F 64 24.46 -12.75 23.81
CA TYR F 64 23.57 -13.87 23.99
C TYR F 64 22.55 -13.59 25.09
N GLY F 65 23.05 -13.18 26.27
CA GLY F 65 22.18 -13.01 27.43
C GLY F 65 21.08 -11.97 27.16
N ARG F 66 21.48 -10.88 26.54
CA ARG F 66 20.49 -9.81 26.34
C ARG F 66 19.52 -10.17 25.23
N LEU F 67 20.01 -10.89 24.23
CA LEU F 67 19.16 -11.41 23.15
C LEU F 67 18.05 -12.29 23.75
N VAL F 68 18.45 -13.21 24.62
CA VAL F 68 17.50 -14.11 25.24
C VAL F 68 16.51 -13.31 26.08
N LYS F 69 16.99 -12.36 26.89
CA LYS F 69 16.13 -11.58 27.76
C LYS F 69 15.16 -10.75 26.92
N TYR F 70 15.68 -10.16 25.85
CA TYR F 70 14.86 -9.32 24.99
C TYR F 70 13.76 -10.13 24.31
N MET F 71 14.12 -11.30 23.78
CA MET F 71 13.15 -12.12 23.07
C MET F 71 12.07 -12.66 24.00
N ALA F 72 12.40 -12.77 25.29
CA ALA F 72 11.46 -13.24 26.31
C ALA F 72 10.63 -12.10 26.88
N SER F 73 10.94 -10.85 26.50
CA SER F 73 10.42 -9.69 27.17
C SER F 73 9.03 -9.31 26.68
N GLY F 74 8.60 -9.87 25.54
CA GLY F 74 7.36 -9.41 24.96
C GLY F 74 6.82 -10.44 23.98
N PRO F 75 5.64 -10.22 23.40
CA PRO F 75 5.02 -11.12 22.46
C PRO F 75 5.85 -11.27 21.20
N VAL F 76 5.83 -12.49 20.69
N VAL F 76 5.97 -12.51 20.75
CA VAL F 76 6.46 -12.88 19.45
CA VAL F 76 6.49 -12.84 19.44
C VAL F 76 5.38 -13.56 18.62
C VAL F 76 5.39 -13.53 18.65
N VAL F 77 5.43 -13.35 17.31
CA VAL F 77 4.57 -14.06 16.40
C VAL F 77 5.37 -15.15 15.74
N ALA F 78 5.09 -16.40 16.13
CA ALA F 78 5.79 -17.53 15.56
C ALA F 78 5.03 -18.06 14.36
N MET F 79 5.77 -18.44 13.31
CA MET F 79 5.17 -18.84 12.06
C MET F 79 5.95 -19.98 11.43
N VAL F 80 5.24 -20.76 10.62
CA VAL F 80 5.87 -21.69 9.69
C VAL F 80 5.32 -21.43 8.29
N TRP F 81 6.23 -21.28 7.32
CA TRP F 81 5.87 -21.09 5.94
C TRP F 81 6.40 -22.27 5.14
N GLN F 82 5.64 -22.65 4.11
CA GLN F 82 5.95 -23.79 3.28
C GLN F 82 6.06 -23.39 1.80
N GLY F 83 7.07 -23.98 1.12
CA GLY F 83 7.20 -23.80 -0.31
C GLY F 83 8.62 -24.13 -0.78
N LEU F 84 8.77 -24.12 -2.10
CA LEU F 84 10.06 -24.44 -2.71
C LEU F 84 11.11 -23.43 -2.27
N ASP F 85 12.21 -23.97 -1.76
CA ASP F 85 13.35 -23.24 -1.27
C ASP F 85 12.94 -22.14 -0.26
N VAL F 86 11.94 -22.39 0.55
CA VAL F 86 11.39 -21.36 1.42
C VAL F 86 12.42 -20.90 2.46
N VAL F 87 13.30 -21.80 2.95
CA VAL F 87 14.29 -21.39 3.94
C VAL F 87 15.18 -20.28 3.40
N ARG F 88 15.83 -20.58 2.28
CA ARG F 88 16.77 -19.62 1.75
C ARG F 88 16.04 -18.38 1.20
N THR F 89 14.91 -18.57 0.54
CA THR F 89 14.17 -17.45 -0.03
C THR F 89 13.62 -16.54 1.08
N SER F 90 13.19 -17.12 2.20
CA SER F 90 12.73 -16.28 3.31
C SER F 90 13.87 -15.41 3.84
N ARG F 91 15.06 -15.98 3.93
CA ARG F 91 16.23 -15.24 4.34
C ARG F 91 16.46 -14.08 3.38
N ALA F 92 16.28 -14.32 2.08
CA ALA F 92 16.46 -13.26 1.11
C ALA F 92 15.41 -12.16 1.28
N LEU F 93 14.16 -12.56 1.53
CA LEU F 93 13.09 -11.60 1.68
C LEU F 93 13.30 -10.73 2.93
N ILE F 94 13.83 -11.31 3.98
CA ILE F 94 13.99 -10.57 5.23
C ILE F 94 15.21 -9.68 5.17
N GLY F 95 16.23 -10.12 4.43
CA GLY F 95 17.45 -9.39 4.31
C GLY F 95 18.48 -9.82 5.36
N ALA F 96 19.70 -9.32 5.18
CA ALA F 96 20.83 -9.60 6.06
C ALA F 96 20.43 -9.40 7.52
N THR F 97 20.98 -10.24 8.38
CA THR F 97 20.72 -10.20 9.81
C THR F 97 20.97 -8.81 10.33
N ASN F 98 22.06 -8.19 9.88
CA ASN F 98 22.33 -6.84 10.21
C ASN F 98 21.66 -5.91 9.19
N PRO F 99 20.65 -5.08 9.60
CA PRO F 99 19.94 -4.23 8.66
C PRO F 99 20.82 -3.31 7.84
N ALA F 100 22.01 -2.95 8.36
CA ALA F 100 22.95 -2.13 7.64
C ALA F 100 23.28 -2.74 6.28
N ASP F 101 23.27 -4.08 6.19
CA ASP F 101 23.66 -4.76 4.97
C ASP F 101 22.45 -5.25 4.17
N ALA F 102 21.24 -4.94 4.61
CA ALA F 102 20.02 -5.43 3.97
C ALA F 102 19.53 -4.36 2.99
N PRO F 103 19.46 -4.65 1.68
CA PRO F 103 19.04 -3.63 0.72
C PRO F 103 17.59 -3.26 0.87
N PRO F 104 17.22 -2.04 0.46
CA PRO F 104 15.84 -1.69 0.26
C PRO F 104 15.12 -2.71 -0.60
N GLY F 105 13.88 -2.99 -0.20
CA GLY F 105 13.04 -4.02 -0.78
C GLY F 105 12.96 -5.24 0.12
N THR F 106 13.99 -5.44 0.96
CA THR F 106 13.89 -6.49 1.95
C THR F 106 13.20 -5.92 3.22
N ILE F 107 12.75 -6.82 4.07
CA ILE F 107 12.02 -6.39 5.26
C ILE F 107 12.94 -5.54 6.14
N ARG F 108 14.13 -6.02 6.42
CA ARG F 108 15.00 -5.25 7.30
C ARG F 108 15.52 -4.00 6.57
N GLY F 109 15.75 -4.11 5.26
CA GLY F 109 16.18 -2.94 4.49
C GLY F 109 15.14 -1.81 4.51
N ASP F 110 13.84 -2.16 4.56
CA ASP F 110 12.80 -1.16 4.50
C ASP F 110 12.44 -0.68 5.91
N PHE F 111 12.59 -1.54 6.94
CA PHE F 111 11.96 -1.25 8.24
C PHE F 111 12.89 -1.12 9.44
N CYS F 112 14.18 -1.48 9.34
CA CYS F 112 15.04 -1.60 10.52
C CYS F 112 16.36 -0.90 10.33
N ILE F 113 17.00 -0.64 11.48
CA ILE F 113 18.25 0.06 11.51
C ILE F 113 19.35 -0.77 12.14
N GLU F 114 19.09 -1.46 13.26
CA GLU F 114 20.14 -2.03 14.10
C GLU F 114 19.99 -3.54 14.18
N VAL F 115 21.13 -4.25 14.33
CA VAL F 115 21.12 -5.71 14.34
C VAL F 115 20.33 -6.27 15.53
N GLY F 116 20.31 -5.55 16.65
CA GLY F 116 19.61 -6.01 17.84
C GLY F 116 18.11 -5.72 17.82
N LYS F 117 17.67 -4.87 16.89
CA LYS F 117 16.26 -4.59 16.71
C LYS F 117 15.92 -4.84 15.24
N ASN F 118 15.95 -6.10 14.86
CA ASN F 118 15.90 -6.47 13.44
C ASN F 118 14.65 -7.26 13.08
N LEU F 119 13.60 -7.07 13.88
CA LEU F 119 12.20 -7.32 13.56
C LEU F 119 11.78 -8.79 13.53
N ILE F 120 12.64 -9.66 13.03
CA ILE F 120 12.26 -11.02 12.69
C ILE F 120 13.46 -11.95 12.82
N HIS F 121 13.17 -13.24 13.04
CA HIS F 121 14.18 -14.28 12.90
C HIS F 121 13.68 -15.27 11.87
N GLY F 122 14.53 -15.66 10.93
CA GLY F 122 14.20 -16.76 10.03
C GLY F 122 15.28 -17.86 10.09
N SER F 123 14.87 -19.11 10.02
CA SER F 123 15.81 -20.25 10.01
C SER F 123 16.89 -20.05 8.95
N ASP F 124 18.14 -20.41 9.30
CA ASP F 124 19.25 -20.15 8.41
C ASP F 124 19.53 -21.32 7.46
N SER F 125 18.89 -22.48 7.70
CA SER F 125 19.10 -23.68 6.91
C SER F 125 17.93 -24.66 7.11
N VAL F 126 17.86 -25.67 6.25
CA VAL F 126 16.82 -26.68 6.39
C VAL F 126 16.97 -27.41 7.73
N GLU F 127 18.19 -27.69 8.16
CA GLU F 127 18.37 -28.39 9.43
C GLU F 127 17.96 -27.51 10.60
N SER F 128 18.36 -26.22 10.58
N SER F 128 18.29 -26.22 10.54
CA SER F 128 17.95 -25.31 11.64
CA SER F 128 17.91 -25.39 11.68
C SER F 128 16.42 -25.17 11.63
C SER F 128 16.42 -25.13 11.64
N ALA F 129 15.80 -25.17 10.44
CA ALA F 129 14.35 -25.04 10.37
C ALA F 129 13.67 -26.21 11.04
N ARG F 130 14.16 -27.43 10.75
CA ARG F 130 13.59 -28.64 11.36
C ARG F 130 13.66 -28.52 12.87
N ARG F 131 14.79 -28.08 13.37
CA ARG F 131 15.00 -27.96 14.79
C ARG F 131 14.12 -26.89 15.40
N GLU F 132 14.04 -25.71 14.74
CA GLU F 132 13.30 -24.58 15.27
C GLU F 132 11.81 -24.86 15.23
N ILE F 133 11.33 -25.44 14.13
CA ILE F 133 9.92 -25.77 14.01
C ILE F 133 9.52 -26.69 15.16
N ALA F 134 10.33 -27.74 15.37
CA ALA F 134 10.06 -28.70 16.43
C ALA F 134 10.07 -28.04 17.81
N LEU F 135 10.98 -27.10 18.04
CA LEU F 135 11.10 -26.42 19.32
C LEU F 135 9.89 -25.56 19.62
N TRP F 136 9.38 -24.84 18.62
CA TRP F 136 8.37 -23.83 18.89
C TRP F 136 6.94 -24.35 18.74
N PHE F 137 6.74 -25.36 17.89
CA PHE F 137 5.42 -25.84 17.56
C PHE F 137 5.25 -27.32 17.88
N ARG F 138 4.04 -27.68 18.30
CA ARG F 138 3.65 -29.08 18.30
C ARG F 138 3.21 -29.47 16.90
N ALA F 139 3.25 -30.76 16.61
CA ALA F 139 2.88 -31.25 15.30
C ALA F 139 1.44 -30.85 14.97
N ASP F 140 0.54 -30.83 15.95
CA ASP F 140 -0.85 -30.57 15.66
C ASP F 140 -1.10 -29.09 15.39
N GLU F 141 -0.07 -28.23 15.49
CA GLU F 141 -0.20 -26.82 15.14
C GLU F 141 0.18 -26.58 13.68
N LEU F 142 0.75 -27.57 12.99
CA LEU F 142 1.21 -27.44 11.63
C LEU F 142 0.11 -27.97 10.73
N LEU F 143 -0.48 -27.12 9.92
CA LEU F 143 -1.66 -27.51 9.14
C LEU F 143 -1.24 -27.87 7.72
N CYS F 144 -1.83 -28.93 7.18
CA CYS F 144 -1.68 -29.28 5.78
C CYS F 144 -2.93 -28.82 5.06
N TRP F 145 -2.78 -27.98 4.04
CA TRP F 145 -3.95 -27.56 3.28
C TRP F 145 -3.59 -27.48 1.81
N GLU F 146 -4.64 -27.64 1.00
CA GLU F 146 -4.53 -27.70 -0.43
C GLU F 146 -4.62 -26.28 -0.98
N ASP F 147 -3.53 -25.84 -1.60
CA ASP F 147 -3.34 -24.45 -1.98
C ASP F 147 -3.86 -24.24 -3.39
N SER F 148 -4.98 -23.53 -3.51
CA SER F 148 -5.56 -23.20 -4.81
C SER F 148 -4.59 -22.40 -5.72
N ALA F 149 -3.63 -21.68 -5.15
CA ALA F 149 -2.68 -20.92 -5.94
C ALA F 149 -1.54 -21.79 -6.46
N GLY F 150 -1.37 -23.02 -5.93
CA GLY F 150 -0.20 -23.84 -6.19
C GLY F 150 0.03 -24.04 -7.70
N HIS F 151 -1.08 -24.24 -8.43
CA HIS F 151 -1.05 -24.38 -9.88
C HIS F 151 -0.40 -23.17 -10.57
N TRP F 152 -0.51 -21.96 -9.98
CA TRP F 152 -0.02 -20.75 -10.61
C TRP F 152 1.36 -20.36 -10.10
N LEU F 153 1.88 -21.09 -9.12
CA LEU F 153 3.19 -20.84 -8.53
C LEU F 153 4.19 -21.88 -8.97
N TYR F 154 3.73 -23.13 -9.22
CA TYR F 154 4.64 -24.24 -9.46
C TYR F 154 4.34 -24.92 -10.80
N GLU F 155 5.31 -25.67 -11.31
CA GLU F 155 5.08 -26.63 -12.40
C GLU F 155 4.21 -27.80 -11.89
#